data_3MMJ
#
_entry.id   3MMJ
#
_cell.length_a   46.130
_cell.length_b   136.950
_cell.length_c   79.910
_cell.angle_alpha   90.00
_cell.angle_beta   102.95
_cell.angle_gamma   90.00
#
_symmetry.space_group_name_H-M   'P 1 21 1'
#
loop_
_entity.id
_entity.type
_entity.pdbx_description
1 polymer 'Myo-inositol hexaphosphate phosphohydrolase'
2 non-polymer 'INOSITOL HEXAKISPHOSPHATE'
3 non-polymer 'PHOSPHATE ION'
4 non-polymer 'ACETATE ION'
5 non-polymer GLYCEROL
6 non-polymer 'CHLORIDE ION'
7 water water
#
_entity_poly.entity_id   1
_entity_poly.type   'polypeptide(L)'
_entity_poly.pdbx_seq_one_letter_code
;QTVTEPVGSYARAERPQDFEGFVWRLDNDGKEALPRNFRTSADALRAPEKKFHLDAAYVPSREGMDALHISGSSAFTPAQ
LKNVAAKLREKTAGPIYDVDLRQESHGYLDGIPVSWYGERDWANLGKSQHEALADERHRLHAALHKTVYIAPLGKHKLPE
GGEVRRVQKVQTEQEVAEAAGMRYFRIAATDHVWPTPENIDRFLAFYRTLPQDAWLHFHSEAGVGRTTAFMVMTDMLKNP
SVSLKDILYRQHEIGGFYYGEFPIKTKDKDSWKTKYYREKIVMIEQFYRYVQENRADGYQTPWSVWLKSHPAKA
;
_entity_poly.pdbx_strand_id   A,B
#
loop_
_chem_comp.id
_chem_comp.type
_chem_comp.name
_chem_comp.formula
ACT non-polymer 'ACETATE ION' 'C2 H3 O2 -1'
CL non-polymer 'CHLORIDE ION' 'Cl -1'
GOL non-polymer GLYCEROL 'C3 H8 O3'
IHP non-polymer 'INOSITOL HEXAKISPHOSPHATE' 'C6 H18 O24 P6'
PO4 non-polymer 'PHOSPHATE ION' 'O4 P -3'
#
# COMPACT_ATOMS: atom_id res chain seq x y z
N GLN A 1 10.19 40.34 18.69
CA GLN A 1 11.10 40.94 17.66
C GLN A 1 11.47 39.91 16.59
N THR A 2 11.78 38.70 17.05
CA THR A 2 12.17 37.61 16.16
C THR A 2 10.99 36.82 15.62
N VAL A 3 10.93 36.69 14.30
CA VAL A 3 9.90 35.93 13.62
C VAL A 3 10.51 34.59 13.20
N THR A 4 9.86 33.49 13.56
CA THR A 4 10.39 32.16 13.27
C THR A 4 10.29 31.77 11.79
N GLU A 5 9.14 32.06 11.18
CA GLU A 5 8.94 31.74 9.76
C GLU A 5 8.22 32.92 9.09
N PRO A 6 8.84 33.49 8.08
CA PRO A 6 8.23 34.62 7.37
C PRO A 6 7.11 34.18 6.44
N VAL A 7 6.29 35.14 6.02
CA VAL A 7 5.23 34.86 5.06
C VAL A 7 5.92 34.32 3.80
N GLY A 8 5.35 33.28 3.20
CA GLY A 8 5.96 32.67 2.05
C GLY A 8 6.72 31.40 2.44
N SER A 9 6.91 31.21 3.75
CA SER A 9 7.64 30.03 4.26
C SER A 9 6.86 29.31 5.35
N TYR A 10 5.54 29.47 5.39
CA TYR A 10 4.74 28.81 6.42
C TYR A 10 4.99 27.31 6.50
N ALA A 11 5.12 26.64 5.36
CA ALA A 11 5.31 25.18 5.36
C ALA A 11 6.55 24.73 6.13
N ARG A 12 7.51 25.63 6.35
CA ARG A 12 8.70 25.28 7.09
C ARG A 12 8.38 24.93 8.54
N ALA A 13 7.22 25.37 9.02
CA ALA A 13 6.82 25.06 10.41
C ALA A 13 6.23 23.65 10.55
N GLU A 14 5.86 23.02 9.44
CA GLU A 14 5.29 21.66 9.52
C GLU A 14 6.42 20.64 9.75
N ARG A 15 6.10 19.50 10.35
CA ARG A 15 7.08 18.46 10.65
C ARG A 15 7.12 17.39 9.56
N PRO A 16 8.23 17.32 8.81
CA PRO A 16 8.36 16.33 7.73
C PRO A 16 8.11 14.89 8.16
N GLN A 17 8.51 14.56 9.38
CA GLN A 17 8.35 13.19 9.87
C GLN A 17 6.91 12.75 9.98
N ASP A 18 5.98 13.70 9.94
CA ASP A 18 4.58 13.37 10.04
C ASP A 18 3.90 13.14 8.69
N PHE A 19 4.66 13.23 7.60
CA PHE A 19 4.08 13.05 6.26
C PHE A 19 4.94 12.16 5.37
N GLU A 20 5.64 11.20 5.95
N GLU A 20 5.64 11.21 5.96
CA GLU A 20 6.51 10.34 5.16
CA GLU A 20 6.51 10.30 5.21
C GLU A 20 5.74 9.46 4.16
C GLU A 20 5.74 9.47 4.17
N GLY A 21 6.41 9.19 3.04
CA GLY A 21 5.80 8.42 1.97
C GLY A 21 5.47 7.00 2.40
N PHE A 22 4.39 6.45 1.84
CA PHE A 22 4.00 5.09 2.22
C PHE A 22 3.44 4.26 1.05
N VAL A 23 3.26 4.87 -0.11
CA VAL A 23 2.71 4.10 -1.23
C VAL A 23 3.10 4.69 -2.58
N TRP A 24 3.22 3.83 -3.60
CA TRP A 24 3.47 4.31 -4.96
C TRP A 24 2.11 4.66 -5.54
N ARG A 25 1.84 5.95 -5.63
CA ARG A 25 0.60 6.45 -6.16
C ARG A 25 0.60 6.47 -7.70
N LEU A 26 -0.51 6.06 -8.31
CA LEU A 26 -0.63 6.09 -9.77
C LEU A 26 -0.86 7.55 -10.18
N ASP A 27 0.05 8.14 -10.94
CA ASP A 27 -0.07 9.57 -11.31
C ASP A 27 -0.98 9.83 -12.51
N ASN A 28 -1.18 8.82 -13.35
CA ASN A 28 -2.08 8.96 -14.50
C ASN A 28 -2.41 7.56 -15.02
N ASP A 29 -3.69 7.28 -15.24
CA ASP A 29 -4.11 5.95 -15.68
C ASP A 29 -3.86 5.68 -17.18
N GLY A 30 -3.39 6.70 -17.89
CA GLY A 30 -3.05 6.53 -19.30
C GLY A 30 -4.20 6.31 -20.27
N LYS A 31 -5.44 6.53 -19.84
CA LYS A 31 -6.59 6.30 -20.71
C LYS A 31 -6.79 7.38 -21.79
N GLU A 32 -6.42 8.62 -21.49
CA GLU A 32 -6.58 9.72 -22.43
C GLU A 32 -5.31 9.96 -23.25
N ALA A 33 -5.46 10.60 -24.41
CA ALA A 33 -4.31 10.86 -25.27
C ALA A 33 -3.38 11.91 -24.68
N LEU A 34 -3.94 12.84 -23.90
CA LEU A 34 -3.15 13.90 -23.32
C LEU A 34 -3.32 13.93 -21.82
N PRO A 35 -2.37 14.60 -21.12
CA PRO A 35 -2.50 14.69 -19.67
C PRO A 35 -3.69 15.61 -19.39
N ARG A 36 -4.14 15.63 -18.14
N ARG A 36 -4.12 15.64 -18.13
CA ARG A 36 -5.27 16.47 -17.75
CA ARG A 36 -5.24 16.46 -17.69
C ARG A 36 -4.85 17.93 -17.62
C ARG A 36 -4.84 17.93 -17.58
N ASN A 37 -5.81 18.83 -17.71
CA ASN A 37 -5.55 20.26 -17.60
C ASN A 37 -4.50 20.76 -18.58
N PHE A 38 -4.44 20.15 -19.76
CA PHE A 38 -3.48 20.60 -20.75
C PHE A 38 -3.94 21.92 -21.36
N ARG A 39 -3.04 22.90 -21.44
CA ARG A 39 -3.39 24.21 -22.00
C ARG A 39 -2.12 24.93 -22.43
N THR A 40 -2.25 25.85 -23.39
CA THR A 40 -1.11 26.64 -23.84
C THR A 40 -1.48 28.12 -23.85
N SER A 41 -0.47 28.98 -23.90
CA SER A 41 -0.70 30.42 -23.91
C SER A 41 -1.28 30.88 -25.25
N ALA A 42 -1.39 29.98 -26.20
CA ALA A 42 -1.98 30.33 -27.49
C ALA A 42 -3.48 30.08 -27.48
N ASP A 43 -3.97 29.48 -26.39
CA ASP A 43 -5.37 29.10 -26.29
C ASP A 43 -6.31 30.27 -26.08
N ALA A 44 -7.57 30.07 -26.48
CA ALA A 44 -8.60 31.08 -26.30
C ALA A 44 -9.00 31.12 -24.83
N LEU A 45 -9.40 32.28 -24.33
CA LEU A 45 -9.84 32.38 -22.95
C LEU A 45 -11.27 31.85 -22.83
N ARG A 46 -11.56 31.18 -21.73
CA ARG A 46 -12.89 30.64 -21.47
C ARG A 46 -13.50 31.36 -20.26
N ALA A 47 -14.78 31.06 -19.99
CA ALA A 47 -15.48 31.66 -18.87
C ALA A 47 -14.78 31.28 -17.56
N PRO A 48 -14.75 32.20 -16.58
CA PRO A 48 -14.08 31.84 -15.32
C PRO A 48 -14.88 30.84 -14.52
N GLU A 49 -14.20 30.11 -13.64
CA GLU A 49 -14.89 29.14 -12.79
C GLU A 49 -15.67 29.89 -11.72
N LYS A 50 -16.91 29.46 -11.49
CA LYS A 50 -17.79 30.09 -10.53
C LYS A 50 -17.20 30.25 -9.14
N LYS A 51 -16.46 29.24 -8.67
CA LYS A 51 -15.88 29.27 -7.33
C LYS A 51 -14.98 30.47 -7.07
N PHE A 52 -14.44 31.10 -8.11
CA PHE A 52 -13.55 32.23 -7.87
C PHE A 52 -14.26 33.57 -7.81
N HIS A 53 -15.57 33.58 -8.08
CA HIS A 53 -16.36 34.81 -8.03
C HIS A 53 -15.73 35.94 -8.82
N LEU A 54 -15.41 35.67 -10.08
CA LEU A 54 -14.79 36.68 -10.93
C LEU A 54 -15.81 37.37 -11.83
N ASP A 55 -15.37 38.42 -12.51
CA ASP A 55 -16.20 39.19 -13.43
C ASP A 55 -16.19 38.49 -14.80
N ALA A 56 -17.25 37.75 -15.11
CA ALA A 56 -17.34 37.01 -16.37
C ALA A 56 -17.36 37.93 -17.59
N ALA A 57 -17.75 39.19 -17.37
CA ALA A 57 -17.82 40.15 -18.46
C ALA A 57 -16.44 40.72 -18.81
N TYR A 58 -15.54 40.68 -17.84
CA TYR A 58 -14.20 41.22 -18.05
C TYR A 58 -13.43 40.55 -19.19
N VAL A 59 -12.83 41.36 -20.04
CA VAL A 59 -12.03 40.86 -21.16
C VAL A 59 -10.57 41.18 -20.90
N PRO A 60 -9.80 40.18 -20.44
CA PRO A 60 -8.38 40.38 -20.14
C PRO A 60 -7.58 40.72 -21.38
N SER A 61 -6.55 41.53 -21.19
CA SER A 61 -5.66 41.84 -22.29
C SER A 61 -4.89 40.58 -22.66
N ARG A 62 -4.69 40.35 -23.95
CA ARG A 62 -3.92 39.20 -24.41
C ARG A 62 -2.53 39.65 -24.84
N GLU A 63 -2.15 40.87 -24.46
N GLU A 63 -2.16 40.88 -24.49
CA GLU A 63 -0.85 41.41 -24.81
CA GLU A 63 -0.85 41.40 -24.86
C GLU A 63 0.30 40.47 -24.41
C GLU A 63 0.28 40.47 -24.43
N GLY A 64 1.09 40.05 -25.39
CA GLY A 64 2.22 39.18 -25.11
C GLY A 64 1.94 37.68 -25.07
N MET A 65 0.67 37.29 -25.11
N MET A 65 0.66 37.30 -25.10
CA MET A 65 0.35 35.87 -25.05
CA MET A 65 0.30 35.88 -25.05
C MET A 65 0.83 35.07 -26.27
C MET A 65 0.83 35.08 -26.23
N ASP A 66 0.73 35.66 -27.46
N ASP A 66 0.70 35.61 -27.44
CA ASP A 66 1.16 34.93 -28.65
CA ASP A 66 1.15 34.90 -28.63
C ASP A 66 2.65 34.59 -28.64
C ASP A 66 2.65 34.58 -28.61
N ALA A 67 3.44 35.45 -28.00
CA ALA A 67 4.88 35.23 -27.92
C ALA A 67 5.31 34.60 -26.60
N LEU A 68 4.37 34.34 -25.69
CA LEU A 68 4.72 33.80 -24.37
C LEU A 68 5.33 32.39 -24.45
N HIS A 69 4.73 31.53 -25.27
CA HIS A 69 5.23 30.18 -25.52
C HIS A 69 5.37 29.29 -24.28
N ILE A 70 4.27 29.13 -23.54
CA ILE A 70 4.27 28.24 -22.38
C ILE A 70 3.00 27.40 -22.38
N SER A 71 3.06 26.30 -21.65
CA SER A 71 1.93 25.41 -21.51
C SER A 71 1.99 24.73 -20.16
N GLY A 72 0.91 24.07 -19.78
CA GLY A 72 0.89 23.40 -18.49
C GLY A 72 0.03 22.15 -18.54
N SER A 73 0.25 21.24 -17.60
CA SER A 73 -0.56 20.04 -17.55
C SER A 73 -0.30 19.26 -16.28
N SER A 74 -1.09 18.20 -16.12
CA SER A 74 -0.94 17.28 -15.02
C SER A 74 0.23 16.35 -15.38
N ALA A 75 0.46 15.35 -14.53
CA ALA A 75 1.49 14.35 -14.77
C ALA A 75 1.03 13.51 -15.98
N PHE A 76 1.94 12.76 -16.58
CA PHE A 76 1.60 12.03 -17.79
C PHE A 76 2.32 10.70 -17.95
N THR A 77 1.79 9.86 -18.82
CA THR A 77 2.45 8.62 -19.18
C THR A 77 3.42 9.02 -20.30
N PRO A 78 4.38 8.14 -20.63
CA PRO A 78 5.33 8.47 -21.70
C PRO A 78 4.62 8.72 -23.03
N ALA A 79 3.58 7.93 -23.32
CA ALA A 79 2.83 8.11 -24.57
C ALA A 79 2.14 9.48 -24.59
N GLN A 80 1.61 9.90 -23.43
CA GLN A 80 0.94 11.20 -23.38
C GLN A 80 1.95 12.32 -23.59
N LEU A 81 3.15 12.18 -23.03
CA LEU A 81 4.16 13.22 -23.20
C LEU A 81 4.57 13.31 -24.67
N LYS A 82 4.66 12.18 -25.35
CA LYS A 82 5.01 12.22 -26.77
C LYS A 82 3.94 13.00 -27.54
N ASN A 83 2.68 12.81 -27.15
CA ASN A 83 1.58 13.51 -27.80
C ASN A 83 1.67 15.01 -27.53
N VAL A 84 2.02 15.36 -26.29
CA VAL A 84 2.20 16.77 -25.93
C VAL A 84 3.36 17.36 -26.74
N ALA A 85 4.47 16.64 -26.82
CA ALA A 85 5.64 17.15 -27.54
C ALA A 85 5.32 17.39 -29.01
N ALA A 86 4.56 16.46 -29.60
CA ALA A 86 4.20 16.60 -31.00
C ALA A 86 3.32 17.83 -31.21
N LYS A 87 2.38 18.04 -30.30
CA LYS A 87 1.49 19.20 -30.40
C LYS A 87 2.27 20.49 -30.24
N LEU A 88 3.18 20.55 -29.27
CA LEU A 88 3.93 21.78 -29.08
C LEU A 88 4.87 22.05 -30.26
N ARG A 89 5.40 21.01 -30.87
CA ARG A 89 6.31 21.21 -32.01
C ARG A 89 5.60 21.90 -33.19
N GLU A 90 4.28 21.80 -33.25
CA GLU A 90 3.56 22.49 -34.33
C GLU A 90 3.53 23.98 -34.07
N LYS A 91 3.83 24.38 -32.84
CA LYS A 91 3.77 25.79 -32.45
C LYS A 91 5.11 26.49 -32.36
N THR A 92 6.21 25.75 -32.52
CA THR A 92 7.52 26.40 -32.36
C THR A 92 8.66 25.60 -32.98
N ALA A 93 9.74 26.29 -33.29
CA ALA A 93 10.93 25.65 -33.85
C ALA A 93 12.05 25.71 -32.83
N GLY A 94 11.74 26.17 -31.61
CA GLY A 94 12.76 26.26 -30.59
C GLY A 94 12.80 25.04 -29.68
N PRO A 95 13.70 25.04 -28.69
CA PRO A 95 13.73 23.88 -27.80
C PRO A 95 12.48 23.84 -26.94
N ILE A 96 11.95 22.63 -26.71
CA ILE A 96 10.76 22.46 -25.88
C ILE A 96 11.21 21.83 -24.57
N TYR A 97 10.90 22.48 -23.45
CA TYR A 97 11.33 21.97 -22.15
C TYR A 97 10.21 21.36 -21.35
N ASP A 98 10.51 20.23 -20.72
CA ASP A 98 9.58 19.64 -19.78
C ASP A 98 10.06 20.23 -18.44
N VAL A 99 9.31 21.18 -17.87
CA VAL A 99 9.69 21.77 -16.58
C VAL A 99 8.90 21.06 -15.50
N ASP A 100 9.58 20.10 -14.86
CA ASP A 100 9.04 19.24 -13.81
C ASP A 100 9.07 19.97 -12.50
N LEU A 101 7.89 20.33 -11.98
CA LEU A 101 7.81 21.11 -10.75
C LEU A 101 7.54 20.28 -9.51
N ARG A 102 7.75 18.98 -9.58
CA ARG A 102 7.39 18.12 -8.46
C ARG A 102 8.50 17.79 -7.46
N GLN A 103 8.31 18.16 -6.20
CA GLN A 103 9.29 17.82 -5.18
C GLN A 103 9.14 16.35 -4.80
N GLU A 104 7.92 15.82 -4.86
CA GLU A 104 7.74 14.42 -4.50
C GLU A 104 8.52 13.51 -5.44
N SER A 105 9.06 12.42 -4.90
CA SER A 105 9.82 11.48 -5.72
C SER A 105 8.89 10.78 -6.70
N HIS A 106 9.28 10.77 -7.97
CA HIS A 106 8.42 10.15 -8.96
C HIS A 106 9.22 9.63 -10.12
N GLY A 107 8.57 8.82 -10.93
CA GLY A 107 9.24 8.23 -12.07
C GLY A 107 8.31 7.30 -12.81
N TYR A 108 8.89 6.31 -13.48
CA TYR A 108 8.10 5.38 -14.28
C TYR A 108 8.55 3.95 -14.04
N LEU A 109 7.59 3.11 -13.66
CA LEU A 109 7.81 1.68 -13.41
C LEU A 109 7.06 0.94 -14.52
N ASP A 110 7.78 0.22 -15.38
CA ASP A 110 7.15 -0.46 -16.50
C ASP A 110 6.30 0.54 -17.30
N GLY A 111 6.81 1.76 -17.43
CA GLY A 111 6.14 2.81 -18.19
C GLY A 111 5.00 3.48 -17.46
N ILE A 112 4.71 3.04 -16.24
CA ILE A 112 3.62 3.62 -15.47
C ILE A 112 4.12 4.77 -14.62
N PRO A 113 3.52 5.98 -14.77
CA PRO A 113 3.96 7.12 -13.97
C PRO A 113 3.51 6.98 -12.52
N VAL A 114 4.47 6.98 -11.59
CA VAL A 114 4.15 6.83 -10.19
C VAL A 114 4.93 7.82 -9.34
N SER A 115 4.44 8.03 -8.12
CA SER A 115 5.11 8.91 -7.18
C SER A 115 5.04 8.32 -5.78
N TRP A 116 6.05 8.58 -4.96
CA TRP A 116 6.08 8.07 -3.59
C TRP A 116 5.28 9.05 -2.75
N TYR A 117 4.06 8.64 -2.41
CA TYR A 117 3.10 9.50 -1.74
C TYR A 117 3.04 9.37 -0.24
N GLY A 118 3.11 10.52 0.44
CA GLY A 118 2.96 10.60 1.88
C GLY A 118 1.75 11.50 2.13
N GLU A 119 1.23 11.59 3.35
CA GLU A 119 0.07 12.45 3.55
C GLU A 119 0.31 13.87 3.03
N ARG A 120 -0.73 14.46 2.44
CA ARG A 120 -0.70 15.80 1.84
C ARG A 120 0.29 15.86 0.67
N ASP A 121 0.76 14.71 0.20
CA ASP A 121 1.78 14.62 -0.86
C ASP A 121 3.07 15.33 -0.40
N TRP A 122 3.37 15.21 0.88
CA TRP A 122 4.55 15.88 1.46
C TRP A 122 5.67 14.92 1.87
N ALA A 123 5.85 13.84 1.10
CA ALA A 123 6.88 12.85 1.45
C ALA A 123 8.32 13.41 1.37
N ASN A 124 8.52 14.52 0.68
CA ASN A 124 9.87 15.11 0.60
C ASN A 124 9.90 16.51 1.20
N LEU A 125 8.89 16.82 2.01
CA LEU A 125 8.83 18.13 2.66
C LEU A 125 10.11 18.44 3.42
N GLY A 126 10.60 19.66 3.27
CA GLY A 126 11.80 20.07 4.00
C GLY A 126 13.12 19.66 3.40
N LYS A 127 13.11 18.71 2.47
CA LYS A 127 14.37 18.29 1.87
C LYS A 127 14.89 19.32 0.87
N SER A 128 16.22 19.41 0.75
CA SER A 128 16.82 20.28 -0.27
C SER A 128 16.54 19.59 -1.60
N GLN A 129 16.69 20.29 -2.73
CA GLN A 129 16.43 19.59 -3.99
C GLN A 129 17.41 18.42 -4.18
N HIS A 130 18.64 18.60 -3.72
CA HIS A 130 19.69 17.57 -3.76
C HIS A 130 19.21 16.30 -3.03
N GLU A 131 18.68 16.49 -1.83
CA GLU A 131 18.17 15.38 -1.01
C GLU A 131 16.92 14.73 -1.61
N ALA A 132 16.04 15.54 -2.17
CA ALA A 132 14.80 15.02 -2.76
C ALA A 132 15.13 14.14 -3.97
N LEU A 133 16.06 14.61 -4.82
CA LEU A 133 16.43 13.84 -5.99
C LEU A 133 17.22 12.58 -5.62
N ALA A 134 17.97 12.63 -4.53
CA ALA A 134 18.72 11.45 -4.11
C ALA A 134 17.70 10.41 -3.65
N ASP A 135 16.68 10.85 -2.91
CA ASP A 135 15.63 9.93 -2.47
C ASP A 135 14.97 9.28 -3.69
N GLU A 136 14.59 10.11 -4.66
CA GLU A 136 13.94 9.63 -5.87
C GLU A 136 14.81 8.60 -6.62
N ARG A 137 16.08 8.93 -6.81
N ARG A 137 16.07 8.93 -6.86
CA ARG A 137 17.02 8.06 -7.50
CA ARG A 137 16.93 7.99 -7.57
C ARG A 137 17.16 6.71 -6.79
C ARG A 137 17.03 6.66 -6.83
N HIS A 138 17.24 6.76 -5.46
N HIS A 138 17.27 6.71 -5.53
CA HIS A 138 17.38 5.56 -4.66
CA HIS A 138 17.40 5.49 -4.74
C HIS A 138 16.14 4.68 -4.71
C HIS A 138 16.12 4.65 -4.75
N ARG A 139 14.97 5.30 -4.57
CA ARG A 139 13.70 4.56 -4.57
C ARG A 139 13.38 3.94 -5.91
N LEU A 140 13.64 4.67 -6.98
CA LEU A 140 13.36 4.15 -8.31
C LEU A 140 14.22 2.94 -8.58
N HIS A 141 15.51 3.07 -8.32
CA HIS A 141 16.45 1.98 -8.57
C HIS A 141 16.12 0.75 -7.73
N ALA A 142 15.71 0.97 -6.50
CA ALA A 142 15.36 -0.12 -5.59
C ALA A 142 14.13 -0.88 -6.07
N ALA A 143 13.30 -0.26 -6.90
CA ALA A 143 12.09 -0.93 -7.40
C ALA A 143 12.38 -1.95 -8.50
N LEU A 144 13.53 -1.82 -9.16
CA LEU A 144 13.85 -2.72 -10.26
C LEU A 144 13.90 -4.20 -9.82
N HIS A 145 13.13 -5.03 -10.52
CA HIS A 145 13.05 -6.47 -10.24
C HIS A 145 12.42 -6.77 -8.90
N LYS A 146 11.73 -5.80 -8.34
CA LYS A 146 11.05 -6.00 -7.07
C LYS A 146 9.54 -5.90 -7.25
N THR A 147 8.81 -6.47 -6.30
CA THR A 147 7.36 -6.41 -6.36
C THR A 147 6.88 -5.12 -5.72
N VAL A 148 6.02 -4.41 -6.44
CA VAL A 148 5.48 -3.14 -5.95
C VAL A 148 3.98 -3.10 -6.06
N TYR A 149 3.39 -2.28 -5.21
CA TYR A 149 1.95 -2.05 -5.19
C TYR A 149 1.72 -0.61 -5.68
N ILE A 150 1.05 -0.47 -6.81
CA ILE A 150 0.76 0.85 -7.39
C ILE A 150 -0.73 1.09 -7.32
N ALA A 151 -1.14 2.19 -6.69
CA ALA A 151 -2.55 2.41 -6.56
C ALA A 151 -2.98 3.85 -6.65
N PRO A 152 -4.22 4.05 -7.13
CA PRO A 152 -4.73 5.42 -7.22
C PRO A 152 -5.28 5.71 -5.84
N LEU A 153 -5.42 6.97 -5.48
CA LEU A 153 -5.97 7.30 -4.17
C LEU A 153 -7.47 7.49 -4.29
N GLY A 154 -8.21 7.04 -3.30
CA GLY A 154 -9.63 7.18 -3.36
C GLY A 154 -10.16 7.97 -2.21
N LYS A 155 -11.09 7.35 -1.47
CA LYS A 155 -11.67 7.99 -0.33
C LYS A 155 -10.60 8.30 0.70
N HIS A 156 -10.62 9.55 1.15
CA HIS A 156 -9.73 10.09 2.16
C HIS A 156 -8.24 10.04 1.81
N LYS A 157 -7.94 10.13 0.52
CA LYS A 157 -6.56 10.13 0.04
C LYS A 157 -5.79 8.88 0.48
N LEU A 158 -6.47 7.74 0.47
CA LEU A 158 -5.83 6.47 0.80
C LEU A 158 -5.93 5.52 -0.40
N PRO A 159 -5.00 4.58 -0.52
CA PRO A 159 -5.01 3.65 -1.65
C PRO A 159 -6.35 2.93 -1.78
N GLU A 160 -6.76 2.70 -3.02
CA GLU A 160 -8.01 2.03 -3.31
C GLU A 160 -7.81 1.16 -4.54
N GLY A 161 -7.71 -0.15 -4.35
CA GLY A 161 -7.52 -1.03 -5.48
C GLY A 161 -6.12 -0.90 -6.04
N GLY A 162 -5.99 -0.84 -7.37
CA GLY A 162 -4.67 -0.71 -7.95
C GLY A 162 -4.16 -2.03 -8.52
N GLU A 163 -2.86 -2.22 -8.51
CA GLU A 163 -2.27 -3.44 -9.04
C GLU A 163 -0.94 -3.74 -8.40
N VAL A 164 -0.51 -4.98 -8.53
CA VAL A 164 0.74 -5.46 -7.98
C VAL A 164 1.57 -6.01 -9.12
N ARG A 165 2.82 -5.59 -9.21
CA ARG A 165 3.64 -6.10 -10.29
C ARG A 165 5.10 -6.17 -9.92
N ARG A 166 5.81 -7.06 -10.60
N ARG A 166 5.81 -7.06 -10.59
CA ARG A 166 7.24 -7.22 -10.40
CA ARG A 166 7.24 -7.21 -10.39
C ARG A 166 7.89 -6.39 -11.51
C ARG A 166 7.90 -6.40 -11.50
N VAL A 167 8.45 -5.25 -11.13
CA VAL A 167 9.05 -4.30 -12.07
C VAL A 167 10.21 -4.78 -12.94
N GLN A 168 10.07 -4.55 -14.25
CA GLN A 168 11.10 -4.96 -15.22
C GLN A 168 11.83 -3.78 -15.84
N LYS A 169 11.33 -2.57 -15.63
CA LYS A 169 11.96 -1.39 -16.20
C LYS A 169 11.71 -0.18 -15.31
N VAL A 170 12.76 0.60 -15.08
CA VAL A 170 12.63 1.82 -14.28
C VAL A 170 13.20 2.99 -15.06
N GLN A 171 12.51 4.11 -15.06
CA GLN A 171 12.96 5.30 -15.76
C GLN A 171 12.66 6.54 -14.95
N THR A 172 13.55 7.52 -15.06
CA THR A 172 13.33 8.80 -14.39
C THR A 172 12.50 9.64 -15.37
N GLU A 173 11.92 10.74 -14.91
CA GLU A 173 11.18 11.56 -15.83
C GLU A 173 12.13 12.20 -16.84
N GLN A 174 13.37 12.44 -16.41
CA GLN A 174 14.35 13.04 -17.31
C GLN A 174 14.54 12.14 -18.54
N GLU A 175 14.61 10.84 -18.32
CA GLU A 175 14.77 9.91 -19.43
C GLU A 175 13.56 9.92 -20.33
N VAL A 176 12.37 9.96 -19.73
CA VAL A 176 11.13 9.97 -20.50
C VAL A 176 11.01 11.26 -21.32
N ALA A 177 11.40 12.38 -20.72
CA ALA A 177 11.36 13.66 -21.42
C ALA A 177 12.31 13.66 -22.62
N GLU A 178 13.54 13.18 -22.40
N GLU A 178 13.54 13.20 -22.41
CA GLU A 178 14.52 13.15 -23.47
CA GLU A 178 14.49 13.17 -23.52
C GLU A 178 14.07 12.22 -24.61
C GLU A 178 14.00 12.26 -24.63
N ALA A 179 13.38 11.15 -24.27
CA ALA A 179 12.87 10.21 -25.26
C ALA A 179 11.74 10.84 -26.07
N ALA A 180 11.09 11.85 -25.50
CA ALA A 180 10.02 12.54 -26.19
C ALA A 180 10.54 13.75 -26.98
N GLY A 181 11.85 13.98 -26.92
CA GLY A 181 12.43 15.10 -27.66
C GLY A 181 12.36 16.43 -26.93
N MET A 182 12.22 16.36 -25.61
CA MET A 182 12.15 17.57 -24.81
C MET A 182 13.36 17.70 -23.91
N ARG A 183 13.77 18.94 -23.65
CA ARG A 183 14.84 19.16 -22.69
C ARG A 183 14.16 19.00 -21.31
N TYR A 184 14.93 18.80 -20.26
CA TYR A 184 14.34 18.57 -18.94
C TYR A 184 14.90 19.53 -17.91
N PHE A 185 14.03 20.09 -17.07
CA PHE A 185 14.50 20.94 -16.00
C PHE A 185 13.62 20.70 -14.80
N ARG A 186 14.25 20.39 -13.67
CA ARG A 186 13.52 20.07 -12.45
C ARG A 186 13.54 21.18 -11.41
N ILE A 187 12.38 21.48 -10.85
CA ILE A 187 12.27 22.44 -9.75
C ILE A 187 11.46 21.69 -8.69
N ALA A 188 12.11 21.31 -7.59
CA ALA A 188 11.46 20.49 -6.57
C ALA A 188 10.55 21.31 -5.66
N ALA A 189 9.33 21.60 -6.15
CA ALA A 189 8.36 22.38 -5.39
C ALA A 189 7.37 21.50 -4.64
N THR A 190 7.14 21.84 -3.39
CA THR A 190 6.23 21.09 -2.53
C THR A 190 4.76 21.29 -2.94
N ASP A 191 4.02 20.19 -3.01
CA ASP A 191 2.61 20.25 -3.38
C ASP A 191 1.81 21.12 -2.40
N HIS A 192 0.84 21.87 -2.92
CA HIS A 192 -0.12 22.67 -2.14
C HIS A 192 0.35 23.99 -1.55
N VAL A 193 1.63 24.32 -1.65
CA VAL A 193 2.11 25.55 -1.01
C VAL A 193 2.85 26.43 -1.99
N TRP A 194 3.13 27.64 -1.54
CA TRP A 194 3.85 28.61 -2.38
C TRP A 194 5.28 28.13 -2.60
N PRO A 195 5.76 28.15 -3.85
CA PRO A 195 7.14 27.70 -4.09
C PRO A 195 8.14 28.47 -3.19
N THR A 196 9.18 27.78 -2.73
CA THR A 196 10.16 28.39 -1.81
C THR A 196 11.10 29.39 -2.50
N PRO A 197 11.82 30.19 -1.69
CA PRO A 197 12.73 31.15 -2.34
C PRO A 197 13.80 30.41 -3.15
N GLU A 198 14.20 29.23 -2.67
CA GLU A 198 15.17 28.41 -3.38
C GLU A 198 14.59 27.97 -4.75
N ASN A 199 13.35 27.49 -4.73
CA ASN A 199 12.67 27.07 -5.97
C ASN A 199 12.65 28.20 -6.98
N ILE A 200 12.22 29.38 -6.53
CA ILE A 200 12.09 30.53 -7.44
C ILE A 200 13.44 31.07 -7.89
N ASP A 201 14.44 31.14 -7.00
CA ASP A 201 15.78 31.58 -7.43
C ASP A 201 16.27 30.67 -8.56
N ARG A 202 16.06 29.36 -8.39
CA ARG A 202 16.50 28.39 -9.38
C ARG A 202 15.77 28.62 -10.70
N PHE A 203 14.47 28.87 -10.62
CA PHE A 203 13.68 29.10 -11.83
C PHE A 203 14.13 30.37 -12.55
N LEU A 204 14.35 31.44 -11.80
CA LEU A 204 14.77 32.70 -12.42
C LEU A 204 16.13 32.60 -13.11
N ALA A 205 17.08 31.89 -12.50
CA ALA A 205 18.39 31.74 -13.13
C ALA A 205 18.26 30.95 -14.44
N PHE A 206 17.39 29.94 -14.43
CA PHE A 206 17.10 29.10 -15.60
C PHE A 206 16.43 29.95 -16.68
N TYR A 207 15.45 30.75 -16.28
CA TYR A 207 14.72 31.60 -17.22
C TYR A 207 15.67 32.56 -17.94
N ARG A 208 16.59 33.15 -17.18
N ARG A 208 16.58 33.15 -17.19
CA ARG A 208 17.55 34.13 -17.70
CA ARG A 208 17.53 34.12 -17.73
C ARG A 208 18.40 33.63 -18.86
C ARG A 208 18.37 33.61 -18.90
N THR A 209 18.73 32.34 -18.88
CA THR A 209 19.57 31.82 -19.97
C THR A 209 18.84 31.08 -21.08
N LEU A 210 17.52 31.17 -21.12
CA LEU A 210 16.77 30.50 -22.16
C LEU A 210 16.89 31.18 -23.51
N PRO A 211 16.89 30.40 -24.59
CA PRO A 211 16.96 30.97 -25.93
C PRO A 211 15.67 31.74 -26.14
N GLN A 212 15.66 32.72 -27.01
CA GLN A 212 14.45 33.50 -27.21
C GLN A 212 13.24 32.64 -27.59
N ASP A 213 13.44 31.60 -28.38
CA ASP A 213 12.34 30.75 -28.84
C ASP A 213 12.07 29.51 -27.99
N ALA A 214 12.55 29.50 -26.75
CA ALA A 214 12.29 28.33 -25.91
C ALA A 214 10.80 28.23 -25.56
N TRP A 215 10.29 27.00 -25.51
CA TRP A 215 8.90 26.77 -25.13
C TRP A 215 8.92 26.02 -23.81
N LEU A 216 8.23 26.52 -22.80
CA LEU A 216 8.22 25.86 -21.49
C LEU A 216 6.93 25.14 -21.22
N HIS A 217 7.01 23.81 -21.08
CA HIS A 217 5.84 23.04 -20.72
C HIS A 217 5.96 22.69 -19.24
N PHE A 218 5.20 23.40 -18.41
CA PHE A 218 5.24 23.16 -16.97
C PHE A 218 4.28 22.06 -16.56
N HIS A 219 4.64 21.30 -15.54
CA HIS A 219 3.68 20.34 -15.03
C HIS A 219 3.96 20.01 -13.58
N SER A 220 2.92 19.57 -12.90
CA SER A 220 3.01 19.14 -11.52
C SER A 220 2.21 17.83 -11.43
N GLU A 221 1.51 17.54 -10.34
CA GLU A 221 0.76 16.28 -10.31
C GLU A 221 -0.59 16.46 -11.01
N ALA A 222 -1.38 17.43 -10.56
CA ALA A 222 -2.70 17.68 -11.17
C ALA A 222 -2.63 18.73 -12.27
N GLY A 223 -1.61 19.58 -12.25
CA GLY A 223 -1.50 20.63 -13.25
C GLY A 223 -2.27 21.86 -12.83
N VAL A 224 -2.43 22.02 -11.53
CA VAL A 224 -3.18 23.14 -10.99
C VAL A 224 -2.35 24.13 -10.18
N GLY A 225 -2.16 23.86 -8.90
CA GLY A 225 -1.45 24.82 -8.06
C GLY A 225 -0.03 25.21 -8.46
N ARG A 226 0.86 24.22 -8.51
CA ARG A 226 2.24 24.54 -8.84
C ARG A 226 2.40 24.96 -10.29
N THR A 227 1.75 24.24 -11.20
CA THR A 227 1.84 24.57 -12.61
C THR A 227 1.39 26.01 -12.87
N THR A 228 0.24 26.38 -12.32
CA THR A 228 -0.24 27.74 -12.56
C THR A 228 0.67 28.79 -11.92
N ALA A 229 1.23 28.50 -10.74
CA ALA A 229 2.08 29.49 -10.11
C ALA A 229 3.29 29.84 -11.00
N PHE A 230 3.93 28.84 -11.60
CA PHE A 230 5.05 29.11 -12.47
C PHE A 230 4.64 29.68 -13.83
N MET A 231 3.46 29.32 -14.31
CA MET A 231 2.99 29.92 -15.57
C MET A 231 2.73 31.43 -15.34
N VAL A 232 2.13 31.74 -14.20
CA VAL A 232 1.87 33.12 -13.83
C VAL A 232 3.19 33.89 -13.68
N MET A 233 4.15 33.28 -12.98
N MET A 233 4.16 33.30 -12.97
CA MET A 233 5.45 33.91 -12.79
CA MET A 233 5.44 33.98 -12.79
C MET A 233 6.10 34.22 -14.15
C MET A 233 6.14 34.21 -14.14
N THR A 234 6.05 33.25 -15.05
CA THR A 234 6.68 33.43 -16.37
C THR A 234 5.98 34.56 -17.15
N ASP A 235 4.66 34.58 -17.07
CA ASP A 235 3.87 35.60 -17.79
C ASP A 235 4.28 36.99 -17.27
N MET A 236 4.34 37.13 -15.95
CA MET A 236 4.75 38.40 -15.35
C MET A 236 6.16 38.81 -15.79
N LEU A 237 7.10 37.87 -15.78
CA LEU A 237 8.47 38.15 -16.17
C LEU A 237 8.59 38.58 -17.63
N LYS A 238 7.91 37.85 -18.51
CA LYS A 238 8.03 38.11 -19.94
C LYS A 238 7.16 39.27 -20.42
N ASN A 239 6.09 39.56 -19.67
CA ASN A 239 5.15 40.61 -20.05
C ASN A 239 4.88 41.55 -18.87
N PRO A 240 5.94 42.23 -18.39
CA PRO A 240 5.87 43.14 -17.25
C PRO A 240 4.96 44.36 -17.42
N SER A 241 4.57 44.69 -18.64
CA SER A 241 3.69 45.85 -18.82
C SER A 241 2.22 45.48 -18.60
N VAL A 242 1.95 44.18 -18.51
CA VAL A 242 0.58 43.71 -18.31
C VAL A 242 0.19 43.79 -16.85
N SER A 243 -1.03 44.23 -16.58
CA SER A 243 -1.50 44.40 -15.20
C SER A 243 -1.63 43.06 -14.49
N LEU A 244 -1.49 43.09 -13.16
CA LEU A 244 -1.63 41.90 -12.34
C LEU A 244 -2.99 41.23 -12.60
N LYS A 245 -4.05 42.03 -12.65
CA LYS A 245 -5.38 41.49 -12.90
C LYS A 245 -5.43 40.74 -14.23
N ASP A 246 -4.87 41.32 -15.28
CA ASP A 246 -4.89 40.66 -16.58
C ASP A 246 -4.11 39.35 -16.55
N ILE A 247 -2.95 39.35 -15.88
CA ILE A 247 -2.15 38.12 -15.80
C ILE A 247 -2.93 37.02 -15.09
N LEU A 248 -3.49 37.35 -13.93
CA LEU A 248 -4.22 36.37 -13.13
C LEU A 248 -5.46 35.86 -13.83
N TYR A 249 -6.22 36.77 -14.42
CA TYR A 249 -7.43 36.37 -15.14
C TYR A 249 -7.09 35.49 -16.34
N ARG A 250 -6.11 35.90 -17.15
CA ARG A 250 -5.83 35.10 -18.34
C ARG A 250 -5.22 33.75 -18.05
N GLN A 251 -4.36 33.65 -17.02
CA GLN A 251 -3.79 32.34 -16.72
C GLN A 251 -4.89 31.43 -16.19
N HIS A 252 -5.88 32.01 -15.53
CA HIS A 252 -7.00 31.20 -15.05
C HIS A 252 -7.89 30.78 -16.22
N GLU A 253 -8.23 31.76 -17.07
CA GLU A 253 -9.15 31.50 -18.17
C GLU A 253 -8.65 30.60 -19.30
N ILE A 254 -7.35 30.29 -19.36
CA ILE A 254 -6.90 29.32 -20.36
C ILE A 254 -6.90 27.92 -19.74
N GLY A 255 -7.27 27.84 -18.46
CA GLY A 255 -7.36 26.55 -17.80
C GLY A 255 -6.52 26.36 -16.55
N GLY A 256 -6.07 27.45 -15.92
CA GLY A 256 -5.29 27.28 -14.71
C GLY A 256 -6.04 27.72 -13.47
N PHE A 257 -5.37 27.69 -12.34
CA PHE A 257 -5.96 28.13 -11.08
C PHE A 257 -6.04 29.66 -11.11
N TYR A 258 -6.91 30.25 -10.28
CA TYR A 258 -6.98 31.71 -10.21
C TYR A 258 -6.21 32.11 -8.96
N TYR A 259 -5.14 32.87 -9.14
CA TYR A 259 -4.27 33.24 -8.04
C TYR A 259 -4.51 34.60 -7.40
N GLY A 260 -5.72 35.12 -7.57
CA GLY A 260 -6.07 36.37 -6.92
C GLY A 260 -6.97 36.09 -5.73
N GLU A 261 -7.48 37.14 -5.09
N GLU A 261 -7.49 37.14 -5.12
CA GLU A 261 -8.36 36.97 -3.94
CA GLU A 261 -8.37 37.01 -3.97
C GLU A 261 -9.69 36.33 -4.35
C GLU A 261 -9.70 36.34 -4.35
N PHE A 262 -10.19 35.44 -3.51
CA PHE A 262 -11.47 34.79 -3.75
C PHE A 262 -11.98 34.20 -2.45
N PRO A 263 -13.27 33.83 -2.39
CA PRO A 263 -13.84 33.26 -1.16
C PRO A 263 -13.31 31.85 -0.94
N ILE A 264 -12.27 31.71 -0.13
CA ILE A 264 -11.70 30.39 0.12
C ILE A 264 -12.68 29.55 0.92
N LYS A 265 -12.98 28.35 0.42
CA LYS A 265 -13.90 27.45 1.09
C LYS A 265 -13.37 26.03 1.02
N THR A 266 -13.22 25.38 2.16
CA THR A 266 -12.71 24.02 2.16
C THR A 266 -13.57 23.11 3.01
N LYS A 267 -13.52 21.82 2.72
CA LYS A 267 -14.25 20.86 3.53
C LYS A 267 -13.50 20.80 4.86
N ASP A 268 -14.16 20.36 5.92
CA ASP A 268 -13.51 20.28 7.22
C ASP A 268 -12.17 19.54 7.17
N LYS A 269 -12.14 18.43 6.46
CA LYS A 269 -10.93 17.61 6.35
C LYS A 269 -9.80 18.34 5.63
N ASP A 270 -10.13 19.39 4.89
CA ASP A 270 -9.11 20.13 4.15
C ASP A 270 -8.87 21.52 4.73
N SER A 271 -9.30 21.76 5.98
CA SER A 271 -9.13 23.07 6.57
C SER A 271 -7.67 23.49 6.67
N TRP A 272 -6.75 22.53 6.69
CA TRP A 272 -5.33 22.87 6.76
C TRP A 272 -4.88 23.63 5.51
N LYS A 273 -5.59 23.45 4.40
CA LYS A 273 -5.23 24.13 3.16
C LYS A 273 -5.46 25.64 3.15
N THR A 274 -6.44 26.08 3.92
CA THR A 274 -6.86 27.48 3.96
C THR A 274 -5.72 28.49 4.08
N LYS A 275 -4.86 28.36 5.08
CA LYS A 275 -3.81 29.37 5.22
C LYS A 275 -2.78 29.31 4.09
N TYR A 276 -2.62 28.14 3.48
CA TYR A 276 -1.68 28.02 2.38
C TYR A 276 -2.22 28.73 1.13
N TYR A 277 -3.53 28.69 0.95
CA TYR A 277 -4.17 29.42 -0.16
C TYR A 277 -4.01 30.93 0.08
N ARG A 278 -4.23 31.37 1.31
N ARG A 278 -4.23 31.37 1.32
CA ARG A 278 -4.09 32.80 1.60
CA ARG A 278 -4.09 32.79 1.62
C ARG A 278 -2.65 33.24 1.41
C ARG A 278 -2.65 33.23 1.40
N GLU A 279 -1.70 32.39 1.81
CA GLU A 279 -0.29 32.70 1.64
C GLU A 279 0.07 32.85 0.18
N LYS A 280 -0.43 31.95 -0.69
CA LYS A 280 -0.10 32.07 -2.12
C LYS A 280 -0.65 33.37 -2.71
N ILE A 281 -1.84 33.78 -2.26
CA ILE A 281 -2.42 35.02 -2.79
C ILE A 281 -1.49 36.21 -2.48
N VAL A 282 -1.00 36.26 -1.25
CA VAL A 282 -0.10 37.33 -0.83
C VAL A 282 1.23 37.24 -1.56
N MET A 283 1.75 36.03 -1.74
CA MET A 283 3.05 35.86 -2.38
C MET A 283 3.00 36.17 -3.88
N ILE A 284 1.87 35.88 -4.53
CA ILE A 284 1.71 36.20 -5.95
C ILE A 284 1.86 37.72 -6.13
N GLU A 285 1.25 38.48 -5.22
CA GLU A 285 1.32 39.93 -5.26
C GLU A 285 2.74 40.40 -5.01
N GLN A 286 3.44 39.73 -4.08
CA GLN A 286 4.80 40.11 -3.77
C GLN A 286 5.73 39.77 -4.93
N PHE A 287 5.48 38.66 -5.64
CA PHE A 287 6.34 38.35 -6.77
C PHE A 287 6.14 39.39 -7.87
N TYR A 288 4.90 39.83 -8.05
CA TYR A 288 4.61 40.86 -9.05
C TYR A 288 5.41 42.12 -8.71
N ARG A 289 5.41 42.49 -7.44
N ARG A 289 5.41 42.49 -7.43
CA ARG A 289 6.17 43.66 -7.01
CA ARG A 289 6.17 43.66 -7.00
C ARG A 289 7.66 43.45 -7.31
C ARG A 289 7.66 43.45 -7.31
N TYR A 290 8.16 42.25 -7.04
CA TYR A 290 9.58 41.97 -7.33
C TYR A 290 9.87 42.20 -8.81
N VAL A 291 9.00 41.68 -9.68
CA VAL A 291 9.22 41.84 -11.10
C VAL A 291 9.23 43.32 -11.49
N GLN A 292 8.24 44.06 -11.00
CA GLN A 292 8.14 45.47 -11.34
C GLN A 292 9.32 46.28 -10.84
N GLU A 293 9.77 46.00 -9.63
CA GLU A 293 10.86 46.80 -9.05
C GLU A 293 12.27 46.37 -9.40
N ASN A 294 12.43 45.20 -10.03
CA ASN A 294 13.78 44.75 -10.35
C ASN A 294 14.06 44.52 -11.83
N ARG A 295 13.07 44.71 -12.70
CA ARG A 295 13.35 44.47 -14.11
C ARG A 295 14.27 45.53 -14.72
N ALA A 296 14.16 46.77 -14.27
CA ALA A 296 14.97 47.85 -14.83
C ALA A 296 16.48 47.54 -14.84
N ASP A 297 17.02 46.99 -13.75
CA ASP A 297 18.45 46.70 -13.74
C ASP A 297 18.77 45.27 -14.12
N GLY A 298 17.80 44.59 -14.72
CA GLY A 298 18.04 43.24 -15.17
C GLY A 298 18.10 42.21 -14.05
N TYR A 299 17.30 42.41 -12.99
CA TYR A 299 17.24 41.44 -11.89
C TYR A 299 18.60 41.11 -11.27
N GLN A 300 19.36 42.14 -10.94
CA GLN A 300 20.66 41.93 -10.32
C GLN A 300 20.49 41.28 -8.96
N THR A 301 19.41 41.62 -8.26
CA THR A 301 19.13 41.07 -6.94
C THR A 301 18.25 39.83 -7.03
N PRO A 302 18.70 38.69 -6.47
CA PRO A 302 17.87 37.48 -6.54
C PRO A 302 16.58 37.64 -5.73
N TRP A 303 15.55 36.90 -6.12
CA TRP A 303 14.28 36.94 -5.42
C TRP A 303 14.45 36.65 -3.93
N SER A 304 15.23 35.62 -3.57
CA SER A 304 15.37 35.26 -2.16
C SER A 304 15.93 36.42 -1.33
N VAL A 305 16.94 37.08 -1.88
CA VAL A 305 17.57 38.22 -1.22
C VAL A 305 16.60 39.40 -1.12
N TRP A 306 15.95 39.71 -2.23
CA TRP A 306 15.01 40.82 -2.25
C TRP A 306 13.84 40.58 -1.27
N LEU A 307 13.35 39.34 -1.19
CA LEU A 307 12.24 39.02 -0.32
C LEU A 307 12.61 39.17 1.17
N LYS A 308 13.85 38.86 1.52
CA LYS A 308 14.26 39.02 2.92
C LYS A 308 14.32 40.50 3.30
N SER A 309 14.66 41.36 2.34
CA SER A 309 14.71 42.79 2.64
C SER A 309 13.34 43.46 2.41
N HIS A 310 12.42 42.76 1.74
CA HIS A 310 11.05 43.26 1.49
C HIS A 310 10.04 42.15 1.80
N PRO A 311 9.95 41.76 3.06
CA PRO A 311 9.01 40.69 3.47
C PRO A 311 7.55 40.99 3.16
N ALA A 312 6.82 39.94 2.83
CA ALA A 312 5.41 40.06 2.55
C ALA A 312 4.64 40.10 3.86
N LYS A 313 3.42 40.63 3.81
CA LYS A 313 2.59 40.73 4.99
C LYS A 313 1.31 39.92 4.80
N ALA A 314 0.84 39.30 5.88
CA ALA A 314 -0.39 38.53 5.80
C ALA A 314 -1.56 39.45 5.48
N THR B 2 8.45 -41.22 -13.19
CA THR B 2 8.82 -40.32 -12.06
C THR B 2 7.99 -39.03 -12.06
N VAL B 3 7.49 -38.68 -10.89
CA VAL B 3 6.67 -37.49 -10.76
C VAL B 3 7.48 -36.36 -10.15
N THR B 4 7.23 -35.15 -10.63
CA THR B 4 7.96 -33.97 -10.16
C THR B 4 7.52 -33.58 -8.74
N GLU B 5 6.21 -33.56 -8.51
CA GLU B 5 5.67 -33.22 -7.21
C GLU B 5 4.59 -34.22 -6.81
N PRO B 6 4.78 -34.91 -5.69
CA PRO B 6 3.78 -35.88 -5.27
C PRO B 6 2.51 -35.21 -4.73
N VAL B 7 1.42 -35.97 -4.67
CA VAL B 7 0.20 -35.45 -4.08
C VAL B 7 0.53 -35.04 -2.64
N GLY B 8 0.05 -33.87 -2.22
CA GLY B 8 0.34 -33.36 -0.89
C GLY B 8 1.40 -32.29 -0.94
N SER B 9 2.05 -32.15 -2.11
CA SER B 9 3.10 -31.18 -2.32
C SER B 9 2.87 -30.34 -3.58
N TYR B 10 1.62 -30.24 -4.03
CA TYR B 10 1.33 -29.48 -5.25
C TYR B 10 1.88 -28.05 -5.20
N ALA B 11 1.75 -27.40 -4.05
CA ALA B 11 2.20 -26.00 -3.97
C ALA B 11 3.66 -25.79 -4.32
N ARG B 12 4.47 -26.83 -4.22
CA ARG B 12 5.89 -26.72 -4.54
C ARG B 12 6.13 -26.36 -6.01
N ALA B 13 5.12 -26.59 -6.86
CA ALA B 13 5.23 -26.26 -8.28
C ALA B 13 5.01 -24.76 -8.53
N GLU B 14 4.43 -24.05 -7.57
CA GLU B 14 4.17 -22.61 -7.77
C GLU B 14 5.46 -21.80 -7.62
N ARG B 15 5.52 -20.62 -8.26
CA ARG B 15 6.74 -19.80 -8.20
C ARG B 15 6.64 -18.71 -7.13
N PRO B 16 7.44 -18.82 -6.05
CA PRO B 16 7.40 -17.81 -4.98
C PRO B 16 7.55 -16.37 -5.46
N GLN B 17 8.37 -16.16 -6.49
CA GLN B 17 8.61 -14.78 -6.97
C GLN B 17 7.35 -14.11 -7.52
N ASP B 18 6.31 -14.88 -7.81
CA ASP B 18 5.09 -14.31 -8.34
C ASP B 18 4.07 -13.94 -7.26
N PHE B 19 4.42 -14.08 -5.99
CA PHE B 19 3.50 -13.78 -4.88
C PHE B 19 4.19 -13.06 -3.73
N GLU B 20 5.17 -12.21 -4.04
N GLU B 20 5.19 -12.22 -4.03
CA GLU B 20 5.92 -11.50 -3.00
CA GLU B 20 5.93 -11.51 -2.99
C GLU B 20 5.07 -10.49 -2.23
C GLU B 20 5.06 -10.51 -2.23
N GLY B 21 5.35 -10.34 -0.93
CA GLY B 21 4.59 -9.42 -0.10
C GLY B 21 4.64 -7.97 -0.58
N PHE B 22 3.55 -7.23 -0.37
CA PHE B 22 3.54 -5.84 -0.82
C PHE B 22 2.80 -4.90 0.12
N VAL B 23 2.15 -5.43 1.17
CA VAL B 23 1.44 -4.53 2.08
C VAL B 23 1.26 -5.14 3.45
N TRP B 24 1.18 -4.28 4.47
CA TRP B 24 0.89 -4.75 5.82
C TRP B 24 -0.63 -4.85 5.89
N ARG B 25 -1.12 -6.08 5.89
CA ARG B 25 -2.55 -6.33 5.96
C ARG B 25 -3.06 -6.31 7.41
N LEU B 26 -4.21 -5.67 7.63
CA LEU B 26 -4.82 -5.64 8.97
C LEU B 26 -5.43 -7.02 9.22
N ASP B 27 -4.93 -7.74 10.23
CA ASP B 27 -5.41 -9.11 10.50
C ASP B 27 -6.68 -9.16 11.33
N ASN B 28 -6.95 -8.12 12.11
CA ASN B 28 -8.17 -8.06 12.92
C ASN B 28 -8.40 -6.62 13.34
N ASP B 29 -9.62 -6.11 13.15
CA ASP B 29 -9.91 -4.72 13.47
C ASP B 29 -10.12 -4.42 14.96
N GLY B 30 -10.07 -5.47 15.78
CA GLY B 30 -10.21 -5.31 17.22
C GLY B 30 -11.57 -4.87 17.74
N LYS B 31 -12.59 -4.88 16.90
CA LYS B 31 -13.92 -4.44 17.34
C LYS B 31 -14.62 -5.43 18.27
N GLU B 32 -14.41 -6.73 18.05
CA GLU B 32 -15.05 -7.76 18.88
C GLU B 32 -14.17 -8.18 20.05
N ALA B 33 -14.80 -8.73 21.08
CA ALA B 33 -14.06 -9.15 22.28
C ALA B 33 -13.22 -10.39 22.00
N LEU B 34 -13.67 -11.20 21.05
CA LEU B 34 -12.95 -12.42 20.71
C LEU B 34 -12.61 -12.48 19.23
N PRO B 35 -11.64 -13.33 18.88
CA PRO B 35 -11.29 -13.45 17.46
C PRO B 35 -12.45 -14.12 16.73
N ARG B 36 -12.43 -14.09 15.40
N ARG B 36 -12.41 -14.09 15.40
CA ARG B 36 -13.49 -14.70 14.63
CA ARG B 36 -13.46 -14.69 14.58
C ARG B 36 -13.36 -16.22 14.60
C ARG B 36 -13.34 -16.22 14.54
N ASN B 37 -14.47 -16.90 14.31
CA ASN B 37 -14.49 -18.35 14.24
C ASN B 37 -13.95 -19.03 15.49
N PHE B 38 -14.14 -18.41 16.64
CA PHE B 38 -13.67 -19.01 17.89
C PHE B 38 -14.54 -20.20 18.26
N ARG B 39 -13.91 -21.33 18.58
CA ARG B 39 -14.67 -22.50 19.01
C ARG B 39 -13.78 -23.42 19.82
N THR B 40 -14.39 -24.26 20.64
CA THR B 40 -13.65 -25.24 21.43
C THR B 40 -14.29 -26.60 21.25
N SER B 41 -13.53 -27.66 21.57
CA SER B 41 -14.04 -29.03 21.43
C SER B 41 -15.13 -29.37 22.43
N ALA B 42 -15.42 -28.47 23.36
CA ALA B 42 -16.50 -28.74 24.31
C ALA B 42 -17.83 -28.15 23.80
N ASP B 43 -17.78 -27.46 22.67
CA ASP B 43 -18.97 -26.80 22.14
C ASP B 43 -20.01 -27.75 21.54
N ALA B 44 -21.25 -27.27 21.49
CA ALA B 44 -22.34 -28.04 20.93
C ALA B 44 -22.21 -28.08 19.41
N LEU B 45 -22.69 -29.17 18.80
CA LEU B 45 -22.64 -29.31 17.35
C LEU B 45 -23.78 -28.50 16.71
N ARG B 46 -23.48 -27.79 15.63
CA ARG B 46 -24.49 -27.01 14.95
C ARG B 46 -24.81 -27.66 13.61
N ALA B 47 -25.84 -27.18 12.94
CA ALA B 47 -26.19 -27.73 11.64
C ALA B 47 -25.03 -27.47 10.67
N PRO B 48 -24.77 -28.40 9.74
CA PRO B 48 -23.67 -28.21 8.79
C PRO B 48 -23.94 -27.08 7.79
N GLU B 49 -22.86 -26.51 7.26
CA GLU B 49 -22.98 -25.45 6.27
C GLU B 49 -23.45 -26.09 4.96
N LYS B 50 -24.42 -25.45 4.31
CA LYS B 50 -25.01 -25.97 3.09
C LYS B 50 -24.03 -26.25 1.96
N LYS B 51 -23.00 -25.42 1.82
CA LYS B 51 -22.06 -25.62 0.73
C LYS B 51 -21.36 -26.97 0.76
N PHE B 52 -21.35 -27.66 1.91
CA PHE B 52 -20.68 -28.95 1.96
C PHE B 52 -21.59 -30.13 1.61
N HIS B 53 -22.88 -29.84 1.40
CA HIS B 53 -23.86 -30.87 1.03
C HIS B 53 -23.77 -32.12 1.90
N LEU B 54 -23.87 -31.91 3.21
CA LEU B 54 -23.78 -33.00 4.17
C LEU B 54 -25.17 -33.42 4.64
N ASP B 55 -25.22 -34.49 5.41
CA ASP B 55 -26.46 -35.03 5.97
C ASP B 55 -26.74 -34.31 7.30
N ALA B 56 -27.66 -33.35 7.27
CA ALA B 56 -27.99 -32.56 8.46
C ALA B 56 -28.62 -33.40 9.56
N ALA B 57 -29.07 -34.60 9.23
CA ALA B 57 -29.69 -35.46 10.22
C ALA B 57 -28.66 -36.38 10.86
N TYR B 58 -27.45 -36.40 10.34
CA TYR B 58 -26.43 -37.28 10.89
C TYR B 58 -25.86 -36.71 12.19
N VAL B 59 -25.81 -37.53 13.23
CA VAL B 59 -25.26 -37.08 14.51
C VAL B 59 -23.95 -37.81 14.76
N PRO B 60 -22.83 -37.10 14.61
CA PRO B 60 -21.55 -37.79 14.86
C PRO B 60 -21.33 -38.08 16.32
N SER B 61 -20.53 -39.10 16.59
CA SER B 61 -20.18 -39.44 17.96
C SER B 61 -19.37 -38.32 18.56
N ARG B 62 -19.58 -38.04 19.85
CA ARG B 62 -18.80 -37.01 20.52
C ARG B 62 -17.75 -37.67 21.43
N GLU B 63 -17.56 -38.98 21.26
N GLU B 63 -17.55 -38.97 21.25
CA GLU B 63 -16.59 -39.70 22.08
CA GLU B 63 -16.59 -39.68 22.08
C GLU B 63 -15.22 -39.03 22.08
C GLU B 63 -15.22 -38.99 22.08
N GLY B 64 -14.73 -38.69 23.27
CA GLY B 64 -13.42 -38.05 23.39
C GLY B 64 -13.39 -36.54 23.29
N MET B 65 -14.48 -35.92 22.87
N MET B 65 -14.49 -35.93 22.87
CA MET B 65 -14.47 -34.46 22.72
CA MET B 65 -14.54 -34.48 22.71
C MET B 65 -14.30 -33.73 24.04
C MET B 65 -14.33 -33.72 24.02
N ASP B 66 -14.93 -34.19 25.11
CA ASP B 66 -14.79 -33.51 26.40
C ASP B 66 -13.34 -33.51 26.90
N ALA B 67 -12.55 -34.51 26.52
CA ALA B 67 -11.17 -34.57 26.97
C ALA B 67 -10.18 -34.09 25.91
N LEU B 68 -10.67 -33.75 24.72
CA LEU B 68 -9.77 -33.33 23.63
C LEU B 68 -8.98 -32.06 23.98
N HIS B 69 -9.66 -31.06 24.52
CA HIS B 69 -9.01 -29.84 24.96
C HIS B 69 -8.30 -29.03 23.88
N ILE B 70 -9.04 -28.69 22.83
CA ILE B 70 -8.46 -27.86 21.79
C ILE B 70 -9.46 -26.79 21.39
N SER B 71 -8.97 -25.75 20.75
CA SER B 71 -9.82 -24.68 20.29
C SER B 71 -9.20 -24.09 19.04
N GLY B 72 -9.95 -23.25 18.35
CA GLY B 72 -9.42 -22.63 17.14
C GLY B 72 -9.99 -21.24 16.94
N SER B 73 -9.31 -20.42 16.14
CA SER B 73 -9.81 -19.07 15.87
C SER B 73 -8.98 -18.41 14.78
N SER B 74 -9.43 -17.23 14.39
CA SER B 74 -8.75 -16.39 13.43
C SER B 74 -7.64 -15.66 14.19
N ALA B 75 -6.93 -14.78 13.48
CA ALA B 75 -5.90 -13.97 14.12
C ALA B 75 -6.62 -13.03 15.11
N PHE B 76 -5.85 -12.44 16.01
CA PHE B 76 -6.45 -11.63 17.07
C PHE B 76 -5.58 -10.46 17.50
N THR B 77 -6.22 -9.50 18.18
CA THR B 77 -5.49 -8.39 18.77
C THR B 77 -5.01 -8.92 20.13
N PRO B 78 -4.06 -8.22 20.77
CA PRO B 78 -3.56 -8.67 22.08
C PRO B 78 -4.71 -8.77 23.10
N ALA B 79 -5.62 -7.79 23.08
CA ALA B 79 -6.75 -7.81 24.01
C ALA B 79 -7.65 -9.03 23.77
N GLN B 80 -7.88 -9.37 22.50
CA GLN B 80 -8.71 -10.52 22.22
C GLN B 80 -8.05 -11.79 22.71
N LEU B 81 -6.73 -11.87 22.58
CA LEU B 81 -6.01 -13.07 23.04
C LEU B 81 -6.09 -13.18 24.56
N LYS B 82 -6.04 -12.05 25.25
CA LYS B 82 -6.15 -12.11 26.71
C LYS B 82 -7.54 -12.68 27.04
N ASN B 83 -8.54 -12.28 26.26
CA ASN B 83 -9.89 -12.76 26.50
C ASN B 83 -9.98 -14.26 26.25
N VAL B 84 -9.30 -14.72 25.22
CA VAL B 84 -9.29 -16.14 24.90
C VAL B 84 -8.58 -16.90 26.03
N ALA B 85 -7.43 -16.41 26.47
CA ALA B 85 -6.67 -17.08 27.51
C ALA B 85 -7.49 -17.22 28.81
N ALA B 86 -8.20 -16.15 29.17
CA ALA B 86 -9.01 -16.19 30.38
C ALA B 86 -10.11 -17.24 30.26
N LYS B 87 -10.75 -17.29 29.10
CA LYS B 87 -11.81 -18.28 28.85
C LYS B 87 -11.27 -19.70 28.93
N LEU B 88 -10.14 -19.94 28.28
CA LEU B 88 -9.56 -21.28 28.29
C LEU B 88 -9.05 -21.70 29.68
N ARG B 89 -8.56 -20.74 30.48
CA ARG B 89 -8.10 -21.08 31.81
C ARG B 89 -9.26 -21.63 32.68
N GLU B 90 -10.49 -21.29 32.31
CA GLU B 90 -11.64 -21.81 33.07
C GLU B 90 -11.86 -23.30 32.79
N LYS B 91 -11.22 -23.81 31.75
CA LYS B 91 -11.43 -25.19 31.32
C LYS B 91 -10.27 -26.14 31.63
N THR B 92 -9.14 -25.62 32.13
CA THR B 92 -8.01 -26.49 32.40
C THR B 92 -7.02 -25.86 33.37
N ALA B 93 -6.22 -26.71 34.02
CA ALA B 93 -5.19 -26.24 34.92
C ALA B 93 -3.84 -26.54 34.30
N GLY B 94 -3.87 -26.96 33.04
CA GLY B 94 -2.64 -27.28 32.33
C GLY B 94 -2.14 -26.10 31.52
N PRO B 95 -1.00 -26.26 30.84
CA PRO B 95 -0.49 -25.15 30.03
C PRO B 95 -1.41 -24.94 28.83
N ILE B 96 -1.63 -23.67 28.48
CA ILE B 96 -2.46 -23.31 27.35
C ILE B 96 -1.53 -22.81 26.27
N TYR B 97 -1.56 -23.45 25.11
CA TYR B 97 -0.67 -23.07 24.03
C TYR B 97 -1.33 -22.28 22.94
N ASP B 98 -0.61 -21.26 22.47
CA ASP B 98 -1.04 -20.50 21.31
C ASP B 98 -0.26 -21.18 20.19
N VAL B 99 -0.94 -22.00 19.38
CA VAL B 99 -0.28 -22.70 18.28
C VAL B 99 -0.53 -21.90 17.02
N ASP B 100 0.48 -21.11 16.66
CA ASP B 100 0.48 -20.20 15.52
C ASP B 100 0.84 -20.97 14.25
N LEU B 101 -0.15 -21.14 13.36
CA LEU B 101 0.04 -21.94 12.14
C LEU B 101 0.34 -21.12 10.91
N ARG B 102 0.73 -19.88 11.09
CA ARG B 102 0.93 -18.98 9.95
C ARG B 102 2.35 -18.89 9.37
N GLN B 103 2.49 -19.24 8.09
CA GLN B 103 3.80 -19.11 7.47
C GLN B 103 4.07 -17.63 7.13
N GLU B 104 3.03 -16.91 6.74
CA GLU B 104 3.20 -15.50 6.41
C GLU B 104 3.76 -14.72 7.61
N SER B 105 4.65 -13.77 7.32
CA SER B 105 5.26 -12.96 8.38
C SER B 105 4.19 -12.08 9.01
N HIS B 106 4.14 -12.08 10.33
CA HIS B 106 3.12 -11.29 11.03
C HIS B 106 3.60 -10.88 12.41
N GLY B 107 2.88 -9.93 12.99
CA GLY B 107 3.25 -9.46 14.30
C GLY B 107 2.31 -8.37 14.72
N TYR B 108 2.79 -7.48 15.58
CA TYR B 108 1.97 -6.40 16.08
C TYR B 108 2.71 -5.07 16.03
N LEU B 109 2.09 -4.08 15.38
CA LEU B 109 2.65 -2.74 15.28
C LEU B 109 1.73 -1.84 16.09
N ASP B 110 2.25 -1.27 17.17
CA ASP B 110 1.42 -0.45 18.06
C ASP B 110 0.20 -1.25 18.53
N GLY B 111 0.40 -2.54 18.77
CA GLY B 111 -0.68 -3.41 19.25
C GLY B 111 -1.63 -3.89 18.15
N ILE B 112 -1.41 -3.43 16.93
CA ILE B 112 -2.28 -3.82 15.82
C ILE B 112 -1.76 -5.08 15.12
N PRO B 113 -2.60 -6.12 15.03
CA PRO B 113 -2.14 -7.35 14.38
C PRO B 113 -2.07 -7.17 12.86
N VAL B 114 -0.88 -7.36 12.31
CA VAL B 114 -0.65 -7.20 10.87
C VAL B 114 0.17 -8.35 10.30
N SER B 115 0.09 -8.53 8.99
CA SER B 115 0.88 -9.55 8.30
C SER B 115 1.35 -8.99 6.97
N TRP B 116 2.51 -9.45 6.50
CA TRP B 116 3.06 -8.97 5.23
C TRP B 116 2.42 -9.82 4.14
N TYR B 117 1.48 -9.20 3.45
CA TYR B 117 0.66 -9.89 2.47
C TYR B 117 1.12 -9.81 1.03
N GLY B 118 1.24 -10.99 0.41
CA GLY B 118 1.54 -11.10 -1.00
C GLY B 118 0.32 -11.77 -1.63
N GLU B 119 0.20 -11.77 -2.95
CA GLU B 119 -0.98 -12.41 -3.56
C GLU B 119 -1.18 -13.83 -3.04
N ARG B 120 -2.45 -14.21 -2.81
CA ARG B 120 -2.83 -15.53 -2.26
C ARG B 120 -2.29 -15.72 -0.85
N ASP B 121 -1.77 -14.64 -0.24
CA ASP B 121 -1.16 -14.71 1.09
C ASP B 121 0.06 -15.65 1.04
N TRP B 122 0.77 -15.64 -0.09
CA TRP B 122 1.92 -16.51 -0.30
C TRP B 122 3.27 -15.77 -0.26
N ALA B 123 3.37 -14.73 0.56
CA ALA B 123 4.61 -13.95 0.63
C ALA B 123 5.82 -14.75 1.12
N ASN B 124 5.60 -15.85 1.85
CA ASN B 124 6.73 -16.66 2.31
C ASN B 124 6.75 -18.04 1.68
N LEU B 125 6.00 -18.20 0.60
CA LEU B 125 5.95 -19.49 -0.10
C LEU B 125 7.36 -19.95 -0.45
N GLY B 126 7.63 -21.23 -0.24
CA GLY B 126 8.93 -21.77 -0.59
C GLY B 126 10.04 -21.55 0.43
N LYS B 127 9.79 -20.74 1.45
CA LYS B 127 10.82 -20.51 2.46
C LYS B 127 10.77 -21.60 3.51
N SER B 128 11.93 -21.94 4.06
CA SER B 128 11.96 -22.90 5.16
C SER B 128 11.37 -22.17 6.37
N GLN B 129 11.01 -22.87 7.42
CA GLN B 129 10.47 -22.17 8.57
C GLN B 129 11.50 -21.17 9.11
N HIS B 130 12.77 -21.55 9.09
CA HIS B 130 13.84 -20.67 9.57
C HIS B 130 13.86 -19.36 8.77
N GLU B 131 13.82 -19.47 7.44
CA GLU B 131 13.84 -18.30 6.58
C GLU B 131 12.56 -17.45 6.75
N ALA B 132 11.40 -18.09 6.90
CA ALA B 132 10.15 -17.35 7.08
C ALA B 132 10.22 -16.56 8.39
N LEU B 133 10.72 -17.19 9.45
CA LEU B 133 10.78 -16.49 10.73
C LEU B 133 11.85 -15.40 10.73
N ALA B 134 12.94 -15.58 9.96
CA ALA B 134 13.97 -14.53 9.89
C ALA B 134 13.40 -13.31 9.15
N ASP B 135 12.67 -13.57 8.07
CA ASP B 135 12.02 -12.49 7.32
C ASP B 135 11.10 -11.71 8.27
N GLU B 136 10.31 -12.46 9.01
CA GLU B 136 9.37 -11.87 9.97
C GLU B 136 10.07 -10.98 10.98
N ARG B 137 11.11 -11.50 11.62
CA ARG B 137 11.84 -10.71 12.60
C ARG B 137 12.43 -9.44 11.99
N HIS B 138 13.03 -9.58 10.81
N HIS B 138 13.03 -9.57 10.81
CA HIS B 138 13.64 -8.44 10.13
CA HIS B 138 13.64 -8.43 10.14
C HIS B 138 12.62 -7.37 9.75
C HIS B 138 12.62 -7.36 9.75
N ARG B 139 11.50 -7.78 9.17
CA ARG B 139 10.45 -6.84 8.75
C ARG B 139 9.81 -6.13 9.91
N LEU B 140 9.57 -6.87 11.00
CA LEU B 140 8.97 -6.26 12.18
C LEU B 140 9.91 -5.22 12.76
N HIS B 141 11.17 -5.60 12.93
CA HIS B 141 12.14 -4.68 13.50
C HIS B 141 12.29 -3.43 12.62
N ALA B 142 12.31 -3.62 11.32
CA ALA B 142 12.47 -2.50 10.39
C ALA B 142 11.32 -1.50 10.45
N ALA B 143 10.15 -1.91 10.94
CA ALA B 143 9.01 -1.00 11.01
C ALA B 143 9.09 -0.06 12.21
N LEU B 144 9.89 -0.39 13.21
CA LEU B 144 9.98 0.45 14.40
C LEU B 144 10.47 1.85 14.05
N HIS B 145 9.71 2.86 14.49
CA HIS B 145 10.00 4.27 14.27
C HIS B 145 9.93 4.67 12.80
N LYS B 146 9.25 3.84 12.00
CA LYS B 146 9.07 4.15 10.58
C LYS B 146 7.59 4.29 10.26
N THR B 147 7.30 4.94 9.13
CA THR B 147 5.92 5.14 8.72
C THR B 147 5.45 3.94 7.93
N VAL B 148 4.30 3.41 8.32
CA VAL B 148 3.73 2.24 7.66
C VAL B 148 2.30 2.47 7.25
N TYR B 149 1.89 1.72 6.23
CA TYR B 149 0.53 1.74 5.74
C TYR B 149 -0.09 0.39 6.08
N ILE B 150 -1.10 0.39 6.94
CA ILE B 150 -1.78 -0.83 7.34
C ILE B 150 -3.19 -0.83 6.76
N ALA B 151 -3.54 -1.85 6.00
CA ALA B 151 -4.84 -1.81 5.39
C ALA B 151 -5.58 -3.12 5.31
N PRO B 152 -6.90 -3.04 5.37
CA PRO B 152 -7.68 -4.26 5.25
C PRO B 152 -7.78 -4.53 3.74
N LEU B 153 -8.05 -5.77 3.35
CA LEU B 153 -8.17 -6.04 1.93
C LEU B 153 -9.64 -5.97 1.56
N GLY B 154 -9.93 -5.42 0.39
CA GLY B 154 -11.31 -5.32 0.02
C GLY B 154 -11.57 -5.98 -1.31
N LYS B 155 -12.03 -5.17 -2.25
CA LYS B 155 -12.30 -5.66 -3.58
C LYS B 155 -11.02 -6.20 -4.18
N HIS B 156 -11.13 -7.44 -4.67
CA HIS B 156 -10.06 -8.18 -5.33
C HIS B 156 -8.83 -8.47 -4.50
N LYS B 157 -8.99 -8.56 -3.18
CA LYS B 157 -7.86 -8.84 -2.30
C LYS B 157 -6.79 -7.77 -2.42
N LEU B 158 -7.23 -6.53 -2.63
CA LEU B 158 -6.31 -5.41 -2.69
C LEU B 158 -6.65 -4.43 -1.57
N PRO B 159 -5.67 -3.66 -1.11
CA PRO B 159 -5.91 -2.71 -0.04
C PRO B 159 -7.05 -1.74 -0.36
N GLU B 160 -7.80 -1.39 0.69
CA GLU B 160 -8.88 -0.42 0.57
C GLU B 160 -8.90 0.39 1.87
N GLY B 161 -8.60 1.67 1.76
CA GLY B 161 -8.58 2.50 2.95
C GLY B 161 -7.44 2.13 3.86
N GLY B 162 -7.70 2.01 5.16
CA GLY B 162 -6.66 1.67 6.11
C GLY B 162 -6.17 2.88 6.87
N GLU B 163 -4.93 2.84 7.32
CA GLU B 163 -4.35 3.95 8.06
C GLU B 163 -2.86 3.99 7.87
N VAL B 164 -2.31 5.17 8.16
CA VAL B 164 -0.89 5.41 8.06
C VAL B 164 -0.41 5.85 9.42
N ARG B 165 0.63 5.22 9.94
CA ARG B 165 1.11 5.62 11.25
C ARG B 165 2.61 5.42 11.37
N ARG B 166 3.20 6.18 12.29
CA ARG B 166 4.61 6.07 12.57
C ARG B 166 4.71 5.17 13.79
N VAL B 167 5.19 3.95 13.58
CA VAL B 167 5.24 2.92 14.62
C VAL B 167 6.14 3.22 15.81
N GLN B 168 5.57 3.07 17.01
CA GLN B 168 6.30 3.30 18.27
C GLN B 168 6.58 2.01 19.04
N LYS B 169 5.93 0.91 18.67
CA LYS B 169 6.14 -0.36 19.35
C LYS B 169 5.97 -1.52 18.38
N VAL B 170 6.87 -2.50 18.48
CA VAL B 170 6.84 -3.69 17.65
C VAL B 170 6.93 -4.93 18.52
N GLN B 171 6.05 -5.91 18.29
CA GLN B 171 6.06 -7.14 19.06
C GLN B 171 5.81 -8.34 18.15
N THR B 172 6.41 -9.47 18.50
CA THR B 172 6.14 -10.70 17.75
C THR B 172 4.93 -11.35 18.39
N GLU B 173 4.33 -12.34 17.74
CA GLU B 173 3.19 -12.98 18.35
C GLU B 173 3.64 -13.75 19.60
N GLN B 174 4.86 -14.26 19.59
CA GLN B 174 5.36 -14.99 20.76
C GLN B 174 5.30 -14.09 22.01
N GLU B 175 5.70 -12.83 21.84
CA GLU B 175 5.66 -11.89 22.96
C GLU B 175 4.22 -11.64 23.42
N VAL B 176 3.31 -11.48 22.47
CA VAL B 176 1.91 -11.26 22.80
C VAL B 176 1.32 -12.48 23.51
N ALA B 177 1.65 -13.67 23.03
CA ALA B 177 1.14 -14.89 23.64
C ALA B 177 1.64 -15.01 25.08
N GLU B 178 2.93 -14.84 25.24
CA GLU B 178 3.51 -14.97 26.57
C GLU B 178 2.93 -13.93 27.53
N ALA B 179 2.59 -12.74 27.03
CA ALA B 179 2.00 -11.70 27.87
C ALA B 179 0.58 -12.05 28.28
N ALA B 180 -0.07 -12.89 27.47
CA ALA B 180 -1.42 -13.33 27.77
C ALA B 180 -1.42 -14.58 28.65
N GLY B 181 -0.22 -15.09 29.00
CA GLY B 181 -0.14 -16.25 29.86
C GLY B 181 -0.19 -17.58 29.13
N MET B 182 0.05 -17.54 27.82
CA MET B 182 0.02 -18.74 27.01
C MET B 182 1.41 -19.15 26.55
N ARG B 183 1.63 -20.44 26.37
CA ARG B 183 2.90 -20.89 25.83
C ARG B 183 2.78 -20.65 24.32
N TYR B 184 3.88 -20.70 23.58
CA TYR B 184 3.80 -20.41 22.15
C TYR B 184 4.50 -21.48 21.32
N PHE B 185 3.88 -21.87 20.22
CA PHE B 185 4.51 -22.83 19.33
C PHE B 185 4.16 -22.43 17.92
N ARG B 186 5.18 -22.33 17.08
CA ARG B 186 4.97 -21.88 15.71
C ARG B 186 5.13 -22.99 14.68
N ILE B 187 4.18 -23.08 13.76
CA ILE B 187 4.27 -24.02 12.63
C ILE B 187 4.01 -23.16 11.38
N ALA B 188 5.04 -22.98 10.56
CA ALA B 188 4.89 -22.10 9.40
C ALA B 188 4.22 -22.79 8.23
N ALA B 189 2.88 -22.83 8.26
CA ALA B 189 2.07 -23.47 7.22
C ALA B 189 1.57 -22.45 6.21
N THR B 190 1.71 -22.79 4.94
CA THR B 190 1.27 -21.89 3.85
C THR B 190 -0.25 -21.80 3.78
N ASP B 191 -0.77 -20.59 3.66
CA ASP B 191 -2.20 -20.37 3.56
C ASP B 191 -2.79 -21.09 2.33
N HIS B 192 -3.97 -21.67 2.51
CA HIS B 192 -4.77 -22.30 1.43
C HIS B 192 -4.38 -23.69 0.98
N VAL B 193 -3.28 -24.24 1.47
CA VAL B 193 -2.87 -25.56 0.99
C VAL B 193 -2.64 -26.54 2.11
N TRP B 194 -2.49 -27.81 1.74
CA TRP B 194 -2.25 -28.86 2.74
C TRP B 194 -0.91 -28.64 3.42
N PRO B 195 -0.87 -28.73 4.76
CA PRO B 195 0.41 -28.54 5.47
C PRO B 195 1.46 -29.53 4.94
N THR B 196 2.70 -29.09 4.86
CA THR B 196 3.79 -29.91 4.31
C THR B 196 4.21 -31.03 5.24
N PRO B 197 4.97 -32.01 4.72
CA PRO B 197 5.41 -33.10 5.59
C PRO B 197 6.26 -32.55 6.74
N GLU B 198 6.99 -31.48 6.47
CA GLU B 198 7.82 -30.81 7.47
C GLU B 198 6.92 -30.22 8.56
N ASN B 199 5.86 -29.53 8.13
CA ASN B 199 4.92 -28.92 9.08
C ASN B 199 4.33 -29.99 9.99
N ILE B 200 3.87 -31.07 9.37
CA ILE B 200 3.23 -32.13 10.13
C ILE B 200 4.21 -32.90 11.02
N ASP B 201 5.41 -33.20 10.52
CA ASP B 201 6.41 -33.87 11.37
C ASP B 201 6.67 -33.02 12.62
N ARG B 202 6.77 -31.71 12.41
N ARG B 202 6.77 -31.70 12.41
CA ARG B 202 7.03 -30.79 13.52
CA ARG B 202 7.03 -30.77 13.49
C ARG B 202 5.88 -30.82 14.52
C ARG B 202 5.89 -30.80 14.51
N PHE B 203 4.65 -30.79 14.02
CA PHE B 203 3.49 -30.83 14.90
C PHE B 203 3.43 -32.13 15.70
N LEU B 204 3.65 -33.27 15.03
CA LEU B 204 3.58 -34.54 15.75
C LEU B 204 4.67 -34.67 16.83
N ALA B 205 5.87 -34.17 16.55
CA ALA B 205 6.94 -34.25 17.55
C ALA B 205 6.53 -33.39 18.76
N PHE B 206 5.94 -32.24 18.48
CA PHE B 206 5.46 -31.32 19.52
C PHE B 206 4.34 -31.99 20.33
N TYR B 207 3.38 -32.60 19.63
CA TYR B 207 2.26 -33.27 20.29
C TYR B 207 2.76 -34.30 21.30
N ARG B 208 3.79 -35.04 20.90
N ARG B 208 3.81 -35.02 20.89
CA ARG B 208 4.36 -36.10 21.74
CA ARG B 208 4.44 -36.08 21.68
C ARG B 208 4.94 -35.57 23.05
C ARG B 208 4.95 -35.57 23.04
N THR B 209 5.39 -34.31 23.07
CA THR B 209 5.96 -33.71 24.29
C THR B 209 4.93 -33.16 25.28
N LEU B 210 3.67 -33.05 24.87
CA LEU B 210 2.66 -32.41 25.73
C LEU B 210 2.20 -33.18 26.94
N PRO B 211 2.00 -32.45 28.05
CA PRO B 211 1.52 -33.12 29.25
C PRO B 211 0.05 -33.46 29.01
N GLN B 212 -0.49 -34.38 29.79
CA GLN B 212 -1.86 -34.79 29.60
C GLN B 212 -2.88 -33.66 29.57
N ASP B 213 -2.70 -32.65 30.41
CA ASP B 213 -3.68 -31.56 30.49
C ASP B 213 -3.38 -30.34 29.63
N ALA B 214 -2.49 -30.46 28.67
CA ALA B 214 -2.23 -29.30 27.81
C ALA B 214 -3.46 -28.95 26.98
N TRP B 215 -3.67 -27.66 26.76
CA TRP B 215 -4.79 -27.19 25.93
C TRP B 215 -4.19 -26.51 24.73
N LEU B 216 -4.60 -26.90 23.52
CA LEU B 216 -4.05 -26.28 22.33
C LEU B 216 -5.04 -25.35 21.66
N HIS B 217 -4.66 -24.07 21.57
CA HIS B 217 -5.47 -23.11 20.86
C HIS B 217 -4.80 -22.86 19.52
N PHE B 218 -5.35 -23.44 18.46
CA PHE B 218 -4.80 -23.28 17.12
C PHE B 218 -5.34 -22.03 16.44
N HIS B 219 -4.52 -21.36 15.64
CA HIS B 219 -5.09 -20.27 14.88
C HIS B 219 -4.30 -20.04 13.61
N SER B 220 -4.96 -19.43 12.64
CA SER B 220 -4.31 -19.06 11.40
C SER B 220 -4.77 -17.64 11.08
N GLU B 221 -5.02 -17.29 9.83
CA GLU B 221 -5.48 -15.91 9.57
C GLU B 221 -6.99 -15.82 9.79
N ALA B 222 -7.76 -16.66 9.11
CA ALA B 222 -9.22 -16.66 9.24
C ALA B 222 -9.72 -17.67 10.27
N GLY B 223 -8.90 -18.67 10.61
CA GLY B 223 -9.34 -19.69 11.54
C GLY B 223 -10.15 -20.76 10.84
N VAL B 224 -9.90 -20.92 9.54
CA VAL B 224 -10.66 -21.88 8.75
C VAL B 224 -9.80 -23.04 8.23
N GLY B 225 -9.12 -22.86 7.09
CA GLY B 225 -8.36 -23.94 6.49
C GLY B 225 -7.22 -24.57 7.30
N ARG B 226 -6.24 -23.79 7.70
CA ARG B 226 -5.11 -24.36 8.44
C ARG B 226 -5.52 -24.75 9.83
N THR B 227 -6.26 -23.87 10.51
CA THR B 227 -6.70 -24.17 11.87
C THR B 227 -7.49 -25.47 11.91
N THR B 228 -8.46 -25.63 11.01
CA THR B 228 -9.26 -26.87 11.05
C THR B 228 -8.41 -28.11 10.73
N ALA B 229 -7.45 -27.96 9.82
CA ALA B 229 -6.63 -29.13 9.47
C ALA B 229 -5.90 -29.67 10.70
N PHE B 230 -5.30 -28.78 11.47
CA PHE B 230 -4.59 -29.24 12.66
C PHE B 230 -5.52 -29.67 13.77
N MET B 231 -6.70 -29.07 13.86
CA MET B 231 -7.67 -29.52 14.86
C MET B 231 -8.09 -30.95 14.51
N VAL B 232 -8.31 -31.20 13.23
CA VAL B 232 -8.69 -32.54 12.77
C VAL B 232 -7.57 -33.55 13.06
N MET B 233 -6.33 -33.18 12.76
N MET B 233 -6.32 -33.20 12.75
CA MET B 233 -5.20 -34.06 13.02
CA MET B 233 -5.23 -34.13 13.00
C MET B 233 -5.14 -34.43 14.49
C MET B 233 -5.07 -34.42 14.49
N THR B 234 -5.30 -33.43 15.34
CA THR B 234 -5.22 -33.65 16.77
C THR B 234 -6.36 -34.58 17.23
N ASP B 235 -7.56 -34.36 16.70
CA ASP B 235 -8.70 -35.19 17.08
C ASP B 235 -8.41 -36.66 16.70
N MET B 236 -7.86 -36.84 15.50
CA MET B 236 -7.53 -38.18 15.02
C MET B 236 -6.46 -38.84 15.89
N LEU B 237 -5.44 -38.07 16.27
CA LEU B 237 -4.38 -38.60 17.11
C LEU B 237 -4.86 -38.98 18.50
N LYS B 238 -5.65 -38.11 19.12
CA LYS B 238 -6.10 -38.34 20.49
C LYS B 238 -7.28 -39.29 20.61
N ASN B 239 -8.09 -39.37 19.55
CA ASN B 239 -9.29 -40.22 19.53
C ASN B 239 -9.29 -41.12 18.31
N PRO B 240 -8.26 -41.99 18.20
CA PRO B 240 -8.09 -42.92 17.09
C PRO B 240 -9.22 -43.93 16.87
N SER B 241 -10.09 -44.14 17.86
CA SER B 241 -11.17 -45.11 17.64
C SER B 241 -12.40 -44.48 16.97
N VAL B 242 -12.43 -43.15 16.87
CA VAL B 242 -13.55 -42.45 16.24
C VAL B 242 -13.45 -42.56 14.72
N SER B 243 -14.58 -42.77 14.05
CA SER B 243 -14.53 -42.92 12.59
C SER B 243 -14.12 -41.64 11.90
N LEU B 244 -13.53 -41.78 10.72
CA LEU B 244 -13.11 -40.62 9.94
C LEU B 244 -14.31 -39.70 9.71
N LYS B 245 -15.45 -40.28 9.34
CA LYS B 245 -16.65 -39.47 9.11
C LYS B 245 -17.05 -38.66 10.35
N ASP B 246 -16.98 -39.27 11.52
CA ASP B 246 -17.35 -38.56 12.74
C ASP B 246 -16.35 -37.44 13.06
N ILE B 247 -15.06 -37.69 12.87
CA ILE B 247 -14.06 -36.64 13.13
C ILE B 247 -14.32 -35.43 12.23
N LEU B 248 -14.53 -35.69 10.94
CA LEU B 248 -14.74 -34.62 9.97
C LEU B 248 -16.04 -33.87 10.21
N TYR B 249 -17.13 -34.60 10.44
CA TYR B 249 -18.40 -33.95 10.73
C TYR B 249 -18.33 -33.12 12.00
N ARG B 250 -17.78 -33.68 13.09
CA ARG B 250 -17.77 -32.92 14.34
C ARG B 250 -16.84 -31.72 14.33
N GLN B 251 -15.71 -31.79 13.65
CA GLN B 251 -14.83 -30.63 13.61
C GLN B 251 -15.49 -29.52 12.79
N HIS B 252 -16.27 -29.93 11.79
CA HIS B 252 -17.00 -28.94 11.00
C HIS B 252 -18.14 -28.35 11.82
N GLU B 253 -18.90 -29.21 12.49
CA GLU B 253 -20.08 -28.74 13.22
C GLU B 253 -19.82 -27.93 14.48
N ILE B 254 -18.59 -27.89 14.99
CA ILE B 254 -18.33 -26.99 16.11
C ILE B 254 -17.86 -25.63 15.57
N GLY B 255 -17.76 -25.51 14.25
CA GLY B 255 -17.36 -24.23 13.67
C GLY B 255 -16.13 -24.23 12.78
N GLY B 256 -15.70 -25.39 12.31
CA GLY B 256 -14.53 -25.40 11.44
C GLY B 256 -14.89 -25.75 10.01
N PHE B 257 -13.88 -25.87 9.17
CA PHE B 257 -14.08 -26.26 7.77
C PHE B 257 -14.50 -27.74 7.73
N TYR B 258 -15.10 -28.20 6.63
CA TYR B 258 -15.43 -29.63 6.50
C TYR B 258 -14.37 -30.23 5.58
N TYR B 259 -13.60 -31.17 6.10
CA TYR B 259 -12.49 -31.73 5.35
C TYR B 259 -12.76 -33.06 4.64
N GLY B 260 -14.04 -33.38 4.43
CA GLY B 260 -14.36 -34.57 3.69
C GLY B 260 -14.71 -34.21 2.25
N GLU B 261 -15.15 -35.19 1.48
N GLU B 261 -15.16 -35.18 1.49
CA GLU B 261 -15.51 -34.95 0.09
CA GLU B 261 -15.52 -34.97 0.10
C GLU B 261 -16.76 -34.08 -0.01
C GLU B 261 -16.77 -34.09 -0.01
N PHE B 262 -16.75 -33.14 -0.94
CA PHE B 262 -17.90 -32.27 -1.18
C PHE B 262 -17.78 -31.66 -2.57
N PRO B 263 -18.90 -31.23 -3.17
CA PRO B 263 -18.80 -30.64 -4.52
C PRO B 263 -18.21 -29.24 -4.47
N ILE B 264 -16.96 -29.16 -4.89
CA ILE B 264 -16.20 -27.91 -4.87
C ILE B 264 -16.64 -26.99 -6.00
N LYS B 265 -16.91 -25.72 -5.65
CA LYS B 265 -17.28 -24.73 -6.65
C LYS B 265 -16.73 -23.38 -6.22
N THR B 266 -15.87 -22.80 -7.04
CA THR B 266 -15.28 -21.52 -6.68
C THR B 266 -15.69 -20.46 -7.68
N LYS B 267 -15.52 -19.20 -7.30
CA LYS B 267 -15.77 -18.11 -8.20
C LYS B 267 -14.69 -18.23 -9.26
N ASP B 268 -14.93 -17.76 -10.48
CA ASP B 268 -13.92 -17.88 -11.52
C ASP B 268 -12.57 -17.30 -11.12
N LYS B 269 -12.57 -16.19 -10.39
CA LYS B 269 -11.32 -15.58 -9.96
C LYS B 269 -10.58 -16.43 -8.93
N ASP B 270 -11.28 -17.41 -8.37
CA ASP B 270 -10.69 -18.28 -7.35
C ASP B 270 -10.49 -19.70 -7.86
N SER B 271 -10.54 -19.91 -9.17
CA SER B 271 -10.40 -21.26 -9.73
C SER B 271 -9.07 -21.94 -9.38
N TRP B 272 -8.04 -21.16 -9.05
CA TRP B 272 -6.76 -21.78 -8.69
C TRP B 272 -6.89 -22.59 -7.39
N LYS B 273 -7.89 -22.29 -6.58
CA LYS B 273 -8.05 -23.01 -5.31
C LYS B 273 -8.56 -24.43 -5.46
N THR B 274 -9.29 -24.70 -6.54
CA THR B 274 -9.92 -25.99 -6.73
C THR B 274 -9.03 -27.19 -6.49
N LYS B 275 -7.86 -27.25 -7.14
CA LYS B 275 -7.02 -28.43 -6.95
C LYS B 275 -6.44 -28.54 -5.55
N TYR B 276 -6.28 -27.41 -4.87
CA TYR B 276 -5.74 -27.43 -3.52
C TYR B 276 -6.80 -27.97 -2.55
N TYR B 277 -8.07 -27.68 -2.82
CA TYR B 277 -9.16 -28.23 -2.02
C TYR B 277 -9.21 -29.74 -2.23
N ARG B 278 -9.10 -30.16 -3.49
N ARG B 278 -9.11 -30.18 -3.48
CA ARG B 278 -9.14 -31.59 -3.80
CA ARG B 278 -9.14 -31.61 -3.76
C ARG B 278 -7.97 -32.29 -3.10
C ARG B 278 -7.96 -32.31 -3.11
N GLU B 279 -6.79 -31.67 -3.18
CA GLU B 279 -5.61 -32.25 -2.57
C GLU B 279 -5.79 -32.41 -1.07
N LYS B 280 -6.38 -31.42 -0.40
CA LYS B 280 -6.56 -31.54 1.05
C LYS B 280 -7.49 -32.70 1.41
N ILE B 281 -8.53 -32.92 0.60
CA ILE B 281 -9.45 -34.02 0.87
C ILE B 281 -8.70 -35.35 0.84
N VAL B 282 -7.88 -35.54 -0.18
CA VAL B 282 -7.10 -36.78 -0.29
C VAL B 282 -6.06 -36.91 0.84
N MET B 283 -5.43 -35.81 1.22
CA MET B 283 -4.40 -35.86 2.26
C MET B 283 -4.97 -36.11 3.66
N ILE B 284 -6.17 -35.57 3.92
CA ILE B 284 -6.85 -35.79 5.19
C ILE B 284 -7.05 -37.30 5.36
N GLU B 285 -7.46 -37.96 4.28
CA GLU B 285 -7.67 -39.40 4.31
C GLU B 285 -6.36 -40.14 4.54
N GLN B 286 -5.30 -39.66 3.90
CA GLN B 286 -3.99 -40.28 4.03
C GLN B 286 -3.45 -40.11 5.47
N PHE B 287 -3.71 -38.95 6.09
CA PHE B 287 -3.25 -38.75 7.46
C PHE B 287 -3.98 -39.73 8.41
N TYR B 288 -5.28 -39.90 8.19
CA TYR B 288 -6.07 -40.84 8.98
C TYR B 288 -5.46 -42.24 8.87
N ARG B 289 -5.06 -42.61 7.65
N ARG B 289 -5.06 -42.62 7.65
CA ARG B 289 -4.44 -43.91 7.43
CA ARG B 289 -4.44 -43.92 7.45
C ARG B 289 -3.12 -44.02 8.19
C ARG B 289 -3.13 -44.01 8.22
N TYR B 290 -2.31 -42.95 8.15
CA TYR B 290 -1.04 -42.95 8.88
C TYR B 290 -1.29 -43.20 10.38
N VAL B 291 -2.27 -42.51 10.94
CA VAL B 291 -2.57 -42.66 12.36
C VAL B 291 -3.01 -44.09 12.67
N GLN B 292 -3.91 -44.62 11.86
CA GLN B 292 -4.40 -45.97 12.11
C GLN B 292 -3.31 -47.01 11.98
N GLU B 293 -2.39 -46.82 11.02
CA GLU B 293 -1.33 -47.81 10.81
C GLU B 293 -0.12 -47.67 11.74
N ASN B 294 0.08 -46.50 12.34
CA ASN B 294 1.26 -46.29 13.17
C ASN B 294 1.03 -46.02 14.65
N ARG B 295 -0.23 -45.95 15.09
N ARG B 295 -0.22 -45.96 15.10
CA ARG B 295 -0.48 -45.69 16.49
CA ARG B 295 -0.44 -45.67 16.51
C ARG B 295 -0.05 -46.86 17.39
C ARG B 295 -0.07 -46.85 17.41
N ALA B 296 -0.31 -48.08 16.96
CA ALA B 296 0.01 -49.25 17.78
C ALA B 296 1.47 -49.32 18.25
N ASP B 297 2.43 -48.98 17.39
CA ASP B 297 3.82 -49.06 17.81
C ASP B 297 4.37 -47.75 18.35
N GLY B 298 3.49 -46.77 18.60
CA GLY B 298 3.92 -45.50 19.17
C GLY B 298 4.58 -44.54 18.21
N TYR B 299 4.22 -44.63 16.94
CA TYR B 299 4.75 -43.74 15.92
C TYR B 299 6.27 -43.79 15.81
N GLN B 300 6.79 -45.01 15.61
CA GLN B 300 8.22 -45.26 15.44
C GLN B 300 8.74 -44.57 14.19
N THR B 301 7.87 -44.44 13.18
CA THR B 301 8.24 -43.81 11.91
C THR B 301 7.39 -42.56 11.70
N PRO B 302 8.03 -41.44 11.35
CA PRO B 302 7.30 -40.18 11.15
C PRO B 302 6.47 -40.14 9.87
N TRP B 303 5.51 -39.23 9.89
CA TRP B 303 4.60 -39.00 8.78
C TRP B 303 5.33 -38.80 7.45
N SER B 304 6.35 -37.94 7.41
CA SER B 304 7.04 -37.70 6.14
C SER B 304 7.60 -38.97 5.50
N VAL B 305 8.20 -39.81 6.33
CA VAL B 305 8.79 -41.06 5.85
C VAL B 305 7.71 -42.03 5.37
N TRP B 306 6.69 -42.20 6.20
CA TRP B 306 5.60 -43.10 5.85
C TRP B 306 4.90 -42.62 4.58
N LEU B 307 4.72 -41.31 4.43
CA LEU B 307 4.04 -40.78 3.23
C LEU B 307 4.85 -41.03 1.95
N LYS B 308 6.16 -40.99 2.05
CA LYS B 308 6.99 -41.26 0.87
C LYS B 308 6.87 -42.70 0.41
N SER B 309 6.67 -43.64 1.34
CA SER B 309 6.52 -45.03 0.93
C SER B 309 5.06 -45.41 0.70
N HIS B 310 4.14 -44.52 1.09
CA HIS B 310 2.70 -44.74 0.89
C HIS B 310 2.14 -43.46 0.29
N PRO B 311 2.56 -43.15 -0.95
CA PRO B 311 2.10 -41.93 -1.63
C PRO B 311 0.60 -41.88 -1.79
N ALA B 312 0.05 -40.68 -1.65
CA ALA B 312 -1.39 -40.49 -1.82
C ALA B 312 -1.69 -40.45 -3.32
N LYS B 313 -2.93 -40.77 -3.69
CA LYS B 313 -3.31 -40.75 -5.10
C LYS B 313 -4.41 -39.73 -5.35
N ALA B 314 -4.31 -39.01 -6.46
CA ALA B 314 -5.33 -38.04 -6.79
C ALA B 314 -6.66 -38.76 -7.03
C1 IHP C . -4.79 18.06 -6.78
C2 IHP C . -3.26 18.41 -6.99
C3 IHP C . -3.15 19.97 -7.28
C4 IHP C . -3.81 20.80 -6.22
C5 IHP C . -5.30 20.50 -6.29
C6 IHP C . -5.56 19.05 -5.87
O11 IHP C . -5.00 16.70 -6.36
P1 IHP C . -5.62 15.58 -7.35
O21 IHP C . -6.10 14.40 -6.51
O31 IHP C . -6.80 16.18 -8.14
O41 IHP C . -4.57 15.08 -8.34
O12 IHP C . -2.44 17.93 -5.88
P2 IHP C . -2.39 16.36 -5.32
O22 IHP C . -3.33 16.16 -4.13
O32 IHP C . -1.02 15.88 -4.91
O42 IHP C . -2.81 15.42 -6.43
O13 IHP C . -1.82 20.41 -7.47
P3 IHP C . -0.52 20.40 -8.37
O23 IHP C . -0.83 20.77 -9.78
O33 IHP C . 0.45 21.44 -7.81
O43 IHP C . 0.05 18.98 -8.25
O14 IHP C . -3.55 22.18 -6.49
P4 IHP C . -3.52 23.15 -5.21
O24 IHP C . -3.64 22.28 -3.97
O34 IHP C . -2.22 23.90 -5.14
O44 IHP C . -4.69 24.14 -5.33
O15 IHP C . -6.03 21.43 -5.47
P5 IHP C . -7.38 22.12 -6.07
O25 IHP C . -7.61 21.71 -7.52
O35 IHP C . -7.26 23.64 -6.01
O45 IHP C . -8.58 21.70 -5.22
O16 IHP C . -6.96 18.79 -5.95
P6 IHP C . -7.72 17.91 -4.84
O26 IHP C . -6.75 17.44 -3.76
O36 IHP C . -8.81 18.77 -4.21
O46 IHP C . -8.34 16.70 -5.53
P PO4 D . -0.57 20.42 -8.32
O1 PO4 D . -1.72 20.52 -7.38
O2 PO4 D . -1.05 20.70 -9.69
O3 PO4 D . 0.47 21.41 -7.93
O4 PO4 D . 0.00 19.05 -8.27
C ACT E . -3.53 24.05 -1.50
O ACT E . -3.17 24.47 -2.60
OXT ACT E . -4.14 22.97 -1.44
CH3 ACT E . -3.46 24.97 -0.30
C ACT F . -1.98 34.71 5.77
O ACT F . -1.42 34.42 6.81
OXT ACT F . -3.15 35.14 5.80
CH3 ACT F . -1.18 34.79 4.49
C1 GOL G . 11.62 32.11 -23.29
O1 GOL G . 10.27 32.44 -22.89
C2 GOL G . 12.47 33.36 -23.53
O2 GOL G . 11.84 34.16 -24.54
C3 GOL G . 12.58 34.18 -22.24
O3 GOL G . 13.43 35.32 -22.41
C1 GOL H . -10.69 26.25 -1.89
O1 GOL H . -11.76 27.16 -2.11
C2 GOL H . -10.35 25.44 -3.15
O2 GOL H . -11.48 24.70 -3.58
C3 GOL H . -9.91 26.33 -4.30
O3 GOL H . -9.61 25.48 -5.41
C1 IHP I . -9.79 -16.68 4.53
C2 IHP I . -8.49 -17.32 5.13
C3 IHP I . -8.76 -18.86 5.33
C4 IHP I . -9.20 -19.54 4.08
C5 IHP I . -10.56 -18.99 3.72
C6 IHP I . -10.42 -17.49 3.38
O11 IHP I . -9.62 -15.30 4.15
P1 IHP I . -10.31 -14.09 4.94
O21 IHP I . -10.35 -12.86 4.03
O31 IHP I . -11.74 -14.48 5.34
O41 IHP I . -9.52 -13.76 6.20
O12 IHP I . -7.32 -17.02 4.26
P2 IHP I . -6.84 -15.51 3.75
O22 IHP I . -7.53 -15.15 2.44
O32 IHP I . -5.35 -15.36 3.57
O42 IHP I . -7.24 -14.49 4.81
O13 IHP I . -7.68 -19.56 5.94
P3 IHP I . -6.75 -19.78 7.21
O23 IHP I . -7.56 -19.98 8.47
O33 IHP I . -5.89 -21.00 6.92
O43 IHP I . -5.93 -18.52 7.28
O14 IHP I . -9.26 -20.95 4.31
P4 IHP I . -8.98 -21.91 3.07
O24 IHP I . -8.58 -21.07 1.87
O34 IHP I . -7.86 -22.86 3.40
O44 IHP I . -10.27 -22.70 2.80
O15 IHP I . -11.16 -19.72 2.64
P5 IHP I . -12.66 -20.30 2.78
O25 IHP I . -13.32 -19.76 4.05
O35 IHP I . -12.68 -21.81 2.82
O45 IHP I . -13.48 -19.86 1.57
O16 IHP I . -11.73 -16.97 3.09
P6 IHP I . -11.98 -16.06 1.79
O26 IHP I . -10.73 -16.00 0.93
O36 IHP I . -13.12 -16.70 0.99
O46 IHP I . -12.36 -14.65 2.22
P PO4 J . -6.80 -19.79 7.14
O1 PO4 J . -7.40 -19.68 5.78
O2 PO4 J . -7.89 -19.89 8.14
O3 PO4 J . -5.94 -21.00 7.20
O4 PO4 J . -5.99 -18.58 7.42
C ACT K . -7.95 -23.14 -0.37
O ACT K . -8.23 -21.97 -0.66
OXT ACT K . -8.05 -23.51 0.80
CH3 ACT K . -7.72 -24.15 -1.46
C ACT L . -6.16 -34.06 -7.05
O ACT L . -7.32 -34.40 -7.31
OXT ACT L . -5.39 -33.79 -7.95
CH3 ACT L . -5.63 -34.30 -5.64
C1 GOL M . -2.81 -32.91 24.94
O1 GOL M . -3.97 -33.07 24.09
C2 GOL M . -2.29 -34.26 25.44
O2 GOL M . -3.34 -34.93 26.21
C3 GOL M . -1.90 -35.15 24.26
O3 GOL M . -1.39 -36.41 24.76
C1 GOL N . -15.49 -24.66 -2.62
O1 GOL N . -16.93 -24.77 -2.69
C2 GOL N . -15.02 -23.68 -1.52
O2 GOL N . -15.53 -22.40 -1.81
C3 GOL N . -15.47 -24.11 -0.12
O3 GOL N . -15.01 -23.18 0.85
C1 GOL O . -0.20 -38.65 29.23
O1 GOL O . -1.54 -38.97 28.84
C2 GOL O . 0.51 -37.99 28.05
O2 GOL O . -0.23 -36.84 27.60
C3 GOL O . 1.96 -37.60 28.40
O3 GOL O . 2.01 -36.67 29.48
CL CL P . 11.79 -44.42 10.04
#